data_5LOE
#
_entry.id   5LOE
#
_cell.length_a   134.690
_cell.length_b   158.877
_cell.length_c   55.412
_cell.angle_alpha   90.00
_cell.angle_beta   90.00
_cell.angle_gamma   90.00
#
_symmetry.space_group_name_H-M   'P 21 21 2'
#
loop_
_entity.id
_entity.type
_entity.pdbx_description
1 polymer 'GTP-sensing transcriptional pleiotropic repressor CodY'
2 non-polymer ISOLEUCINE
3 water water
#
_entity_poly.entity_id   1
_entity_poly.type   'polypeptide(L)'
_entity_poly.pdbx_seq_one_letter_code
;GSHMASLQKTRIINSMLQAAAGKPVNFKEMAETLRDVIDSNIFVVSRRGKLLGYSINQQIENDRMKKMLEDRQFPEEYTK
NLFNVPETSSNLDINSEYTAFPVENRDLFQAGLTTIVPIIGGGERLGTLILSRLQDQFNDDDLILAEYGATVVGMEILRE
KAEEIEEEARSKAVVQMAISSLSYSELEAIEHIFEELDGNEGLLVASKIADRVGITRSVIVNALRKLESAGVIESRSLGM
KGTYIKVLNNKFLIELENLKSH
;
_entity_poly.pdbx_strand_id   A,B,C,D
#
# COMPACT_ATOMS: atom_id res chain seq x y z
N MET A 4 -51.99 -5.50 6.09
CA MET A 4 -50.58 -5.06 5.86
C MET A 4 -50.02 -5.63 4.54
N ALA A 5 -50.22 -6.93 4.30
CA ALA A 5 -50.01 -7.60 2.98
C ALA A 5 -48.59 -7.51 2.40
N SER A 6 -48.34 -6.41 1.72
CA SER A 6 -47.11 -6.14 1.02
C SER A 6 -46.01 -5.79 2.04
N LEU A 7 -46.35 -4.91 2.97
CA LEU A 7 -45.46 -4.53 4.06
C LEU A 7 -44.73 -5.69 4.71
N GLN A 8 -45.39 -6.84 4.90
CA GLN A 8 -44.75 -7.99 5.56
C GLN A 8 -43.65 -8.48 4.68
N LYS A 9 -43.99 -9.07 3.53
CA LYS A 9 -43.05 -9.52 2.47
C LYS A 9 -41.84 -8.61 2.23
N THR A 10 -42.05 -7.30 2.18
CA THR A 10 -40.93 -6.38 1.94
C THR A 10 -39.98 -6.47 3.12
N ARG A 11 -40.53 -6.52 4.33
CA ARG A 11 -39.67 -6.71 5.50
C ARG A 11 -39.01 -8.09 5.46
N ILE A 12 -39.78 -9.11 5.12
CA ILE A 12 -39.22 -10.46 4.96
C ILE A 12 -37.92 -10.41 4.16
N ILE A 13 -37.89 -9.60 3.10
CA ILE A 13 -36.65 -9.43 2.33
C ILE A 13 -35.60 -8.75 3.19
N ASN A 14 -35.87 -7.50 3.60
CA ASN A 14 -35.01 -6.78 4.54
C ASN A 14 -34.44 -7.69 5.63
N SER A 15 -35.28 -8.49 6.28
CA SER A 15 -34.87 -9.50 7.28
C SER A 15 -33.72 -10.36 6.80
N MET A 16 -33.92 -11.02 5.65
CA MET A 16 -32.90 -11.89 5.05
C MET A 16 -31.62 -11.15 4.75
N LEU A 17 -31.74 -9.98 4.12
CA LEU A 17 -30.57 -9.16 3.80
C LEU A 17 -29.68 -8.88 5.09
N GLN A 18 -30.33 -8.60 6.20
CA GLN A 18 -29.64 -8.18 7.42
C GLN A 18 -29.09 -9.37 8.17
N ALA A 19 -29.78 -10.49 8.07
CA ALA A 19 -29.22 -11.77 8.48
C ALA A 19 -27.91 -12.08 7.74
N ALA A 20 -27.88 -11.78 6.43
CA ALA A 20 -26.78 -12.22 5.53
C ALA A 20 -25.61 -11.31 5.56
N ALA A 21 -25.76 -10.09 6.06
CA ALA A 21 -24.58 -9.25 6.30
C ALA A 21 -23.67 -9.99 7.31
N GLY A 22 -22.37 -9.99 7.07
CA GLY A 22 -21.45 -10.73 7.93
C GLY A 22 -20.98 -12.00 7.26
N LYS A 23 -21.91 -12.87 6.91
CA LYS A 23 -21.58 -14.07 6.13
C LYS A 23 -21.32 -13.62 4.68
N PRO A 24 -20.42 -14.32 3.97
CA PRO A 24 -20.19 -13.91 2.61
C PRO A 24 -21.44 -14.21 1.83
N VAL A 25 -21.65 -13.41 0.79
CA VAL A 25 -22.91 -13.37 0.07
C VAL A 25 -23.29 -14.75 -0.39
N ASN A 26 -24.58 -15.06 -0.28
CA ASN A 26 -25.19 -16.32 -0.74
C ASN A 26 -26.38 -16.04 -1.65
N PHE A 27 -26.23 -16.33 -2.94
CA PHE A 27 -27.31 -16.09 -3.89
C PHE A 27 -28.47 -17.10 -3.92
N LYS A 28 -28.19 -18.38 -3.72
CA LYS A 28 -29.24 -19.40 -3.66
C LYS A 28 -30.26 -18.99 -2.62
N GLU A 29 -29.78 -18.65 -1.43
CA GLU A 29 -30.61 -18.26 -0.26
C GLU A 29 -31.44 -17.05 -0.59
N MET A 30 -30.82 -16.10 -1.25
CA MET A 30 -31.53 -14.90 -1.73
CA MET A 30 -31.52 -14.90 -1.73
C MET A 30 -32.66 -15.27 -2.70
N ALA A 31 -32.32 -16.07 -3.71
CA ALA A 31 -33.29 -16.62 -4.67
C ALA A 31 -34.46 -17.33 -3.97
N GLU A 32 -34.14 -18.20 -3.02
CA GLU A 32 -35.16 -18.93 -2.26
C GLU A 32 -36.17 -17.97 -1.59
N THR A 33 -35.62 -16.96 -0.92
CA THR A 33 -36.44 -16.01 -0.19
C THR A 33 -37.37 -15.30 -1.19
N LEU A 34 -36.82 -14.90 -2.33
CA LEU A 34 -37.64 -14.22 -3.33
C LEU A 34 -38.74 -15.12 -3.83
N ARG A 35 -38.38 -16.33 -4.23
CA ARG A 35 -39.38 -17.33 -4.59
C ARG A 35 -40.52 -17.49 -3.57
N ASP A 36 -40.20 -17.49 -2.28
CA ASP A 36 -41.25 -17.61 -1.27
C ASP A 36 -42.16 -16.40 -1.25
N VAL A 37 -41.58 -15.21 -1.15
CA VAL A 37 -42.41 -14.02 -1.02
C VAL A 37 -43.20 -13.71 -2.29
N ILE A 38 -42.62 -14.01 -3.43
CA ILE A 38 -43.24 -13.70 -4.71
C ILE A 38 -44.11 -14.86 -5.21
N ASP A 39 -43.73 -16.09 -4.84
CA ASP A 39 -44.40 -17.28 -5.34
C ASP A 39 -44.13 -17.40 -6.85
N SER A 40 -42.86 -17.66 -7.20
CA SER A 40 -42.49 -17.85 -8.61
C SER A 40 -41.08 -18.41 -8.76
N ASN A 41 -40.73 -18.77 -9.99
CA ASN A 41 -39.37 -19.18 -10.30
C ASN A 41 -38.49 -17.95 -10.25
N ILE A 42 -37.30 -18.10 -9.66
CA ILE A 42 -36.33 -17.03 -9.56
C ILE A 42 -35.05 -17.49 -10.24
N PHE A 43 -34.51 -16.65 -11.11
CA PHE A 43 -33.21 -16.83 -11.76
C PHE A 43 -32.44 -15.50 -11.71
N VAL A 44 -31.25 -15.54 -11.09
CA VAL A 44 -30.39 -14.38 -11.00
C VAL A 44 -29.24 -14.58 -11.96
N VAL A 45 -29.29 -13.87 -13.07
CA VAL A 45 -28.41 -14.11 -14.19
C VAL A 45 -27.38 -13.01 -14.33
N SER A 46 -26.12 -13.40 -14.53
CA SER A 46 -25.07 -12.43 -14.69
C SER A 46 -25.18 -11.79 -16.05
N ARG A 47 -24.27 -10.83 -16.27
CA ARG A 47 -24.20 -10.10 -17.53
C ARG A 47 -23.95 -11.06 -18.70
N ARG A 48 -23.35 -12.22 -18.43
CA ARG A 48 -22.94 -13.19 -19.45
C ARG A 48 -23.59 -14.55 -19.27
N GLY A 49 -24.69 -14.62 -18.51
CA GLY A 49 -25.45 -15.86 -18.36
C GLY A 49 -25.13 -16.76 -17.17
N LYS A 50 -24.06 -16.50 -16.45
CA LYS A 50 -23.74 -17.24 -15.25
C LYS A 50 -25.00 -17.11 -14.35
N LEU A 51 -25.64 -18.23 -14.02
CA LEU A 51 -26.71 -18.26 -12.96
C LEU A 51 -26.09 -18.11 -11.59
N LEU A 52 -26.10 -16.91 -11.05
CA LEU A 52 -25.46 -16.70 -9.77
C LEU A 52 -26.18 -17.52 -8.71
N GLY A 53 -27.50 -17.62 -8.86
CA GLY A 53 -28.35 -18.48 -8.01
C GLY A 53 -29.75 -18.53 -8.59
N TYR A 54 -30.54 -19.49 -8.14
CA TYR A 54 -31.87 -19.68 -8.69
C TYR A 54 -32.67 -20.56 -7.76
N SER A 55 -33.99 -20.38 -7.75
CA SER A 55 -34.88 -21.22 -6.93
C SER A 55 -36.08 -21.61 -7.77
N ILE A 56 -36.45 -22.89 -7.76
CA ILE A 56 -37.54 -23.40 -8.61
C ILE A 56 -38.85 -23.62 -7.85
N ASN A 57 -39.91 -22.95 -8.32
CA ASN A 57 -41.22 -23.01 -7.68
C ASN A 57 -42.14 -24.10 -8.24
N GLN A 58 -41.85 -24.51 -9.47
CA GLN A 58 -42.63 -25.54 -10.17
C GLN A 58 -41.73 -26.16 -11.24
N GLN A 59 -41.42 -27.45 -11.11
CA GLN A 59 -40.39 -28.04 -11.95
C GLN A 59 -40.79 -28.09 -13.41
N ILE A 60 -39.78 -28.14 -14.26
CA ILE A 60 -39.97 -28.08 -15.70
C ILE A 60 -39.31 -29.31 -16.25
N GLU A 61 -40.12 -30.18 -16.85
CA GLU A 61 -39.64 -31.39 -17.48
C GLU A 61 -39.22 -31.00 -18.90
N ASN A 62 -37.91 -30.80 -19.01
CA ASN A 62 -37.21 -30.43 -20.23
C ASN A 62 -35.72 -30.63 -19.95
N ASP A 63 -35.09 -31.54 -20.67
CA ASP A 63 -33.74 -32.00 -20.33
C ASP A 63 -32.68 -30.91 -20.52
N ARG A 64 -32.89 -30.06 -21.53
CA ARG A 64 -32.01 -28.94 -21.80
C ARG A 64 -32.05 -27.94 -20.66
N MET A 65 -33.27 -27.54 -20.26
CA MET A 65 -33.48 -26.73 -19.06
C MET A 65 -32.76 -27.38 -17.92
N LYS A 66 -33.02 -28.67 -17.70
CA LYS A 66 -32.38 -29.45 -16.63
C LYS A 66 -30.82 -29.34 -16.60
N LYS A 67 -30.21 -29.32 -17.80
CA LYS A 67 -28.75 -29.16 -17.96
C LYS A 67 -28.27 -27.78 -17.56
N MET A 68 -29.03 -26.76 -17.96
CA MET A 68 -28.68 -25.35 -17.72
C MET A 68 -28.50 -25.09 -16.22
N LEU A 69 -29.42 -25.63 -15.44
CA LEU A 69 -29.41 -25.45 -14.00
C LEU A 69 -28.26 -26.22 -13.36
N GLU A 70 -27.95 -27.38 -13.90
CA GLU A 70 -26.80 -28.15 -13.45
C GLU A 70 -25.53 -27.37 -13.76
N ASP A 71 -25.37 -27.00 -15.04
CA ASP A 71 -24.20 -26.25 -15.52
C ASP A 71 -24.13 -24.81 -15.05
N ARG A 72 -25.18 -24.31 -14.43
CA ARG A 72 -25.18 -22.96 -13.87
C ARG A 72 -25.00 -21.89 -14.98
N GLN A 73 -25.53 -22.17 -16.16
CA GLN A 73 -25.32 -21.30 -17.31
C GLN A 73 -26.56 -21.26 -18.20
N PHE A 74 -26.84 -20.10 -18.78
CA PHE A 74 -27.93 -19.89 -19.75
C PHE A 74 -27.28 -19.58 -21.09
N PRO A 75 -28.02 -19.81 -22.20
CA PRO A 75 -27.50 -19.61 -23.57
C PRO A 75 -26.93 -18.23 -23.77
N GLU A 76 -25.83 -18.13 -24.50
CA GLU A 76 -25.19 -16.84 -24.67
C GLU A 76 -26.16 -15.92 -25.35
N GLU A 77 -26.73 -16.37 -26.46
CA GLU A 77 -27.67 -15.57 -27.24
C GLU A 77 -28.79 -14.97 -26.38
N TYR A 78 -29.47 -15.85 -25.62
CA TYR A 78 -30.59 -15.48 -24.73
C TYR A 78 -30.23 -14.42 -23.71
N THR A 79 -29.08 -14.63 -23.08
CA THR A 79 -28.58 -13.72 -22.07
C THR A 79 -28.29 -12.37 -22.67
N LYS A 80 -27.49 -12.36 -23.74
CA LYS A 80 -27.04 -11.13 -24.40
C LYS A 80 -28.16 -10.21 -24.80
N ASN A 81 -29.30 -10.81 -25.11
CA ASN A 81 -30.47 -10.05 -25.55
CA ASN A 81 -30.49 -10.07 -25.55
C ASN A 81 -31.21 -9.39 -24.37
N LEU A 82 -31.01 -9.89 -23.16
CA LEU A 82 -31.64 -9.27 -21.99
C LEU A 82 -31.21 -7.84 -21.73
N PHE A 83 -29.96 -7.49 -22.04
CA PHE A 83 -29.51 -6.10 -21.87
C PHE A 83 -30.27 -5.07 -22.74
N ASN A 84 -30.98 -5.56 -23.75
CA ASN A 84 -31.84 -4.69 -24.52
C ASN A 84 -33.13 -4.37 -23.81
N VAL A 85 -33.41 -5.06 -22.70
CA VAL A 85 -34.52 -4.73 -21.82
C VAL A 85 -34.03 -3.71 -20.82
N PRO A 86 -34.36 -2.42 -21.01
CA PRO A 86 -33.87 -1.37 -20.13
C PRO A 86 -34.61 -1.25 -18.80
N GLU A 87 -35.93 -1.32 -18.83
CA GLU A 87 -36.72 -1.28 -17.61
C GLU A 87 -37.41 -2.61 -17.47
N THR A 88 -37.96 -2.87 -16.29
CA THR A 88 -38.81 -4.04 -16.07
C THR A 88 -39.80 -4.21 -17.22
N SER A 89 -39.86 -5.46 -17.70
CA SER A 89 -40.79 -5.88 -18.70
C SER A 89 -41.59 -7.06 -18.12
N SER A 90 -42.89 -6.85 -17.94
CA SER A 90 -43.68 -7.72 -17.08
C SER A 90 -44.73 -8.49 -17.86
N ASN A 91 -44.85 -9.75 -17.48
CA ASN A 91 -45.84 -10.64 -18.05
C ASN A 91 -45.66 -10.89 -19.55
N LEU A 92 -44.49 -11.40 -19.91
CA LEU A 92 -44.21 -11.78 -21.25
C LEU A 92 -44.68 -13.21 -21.46
N ASP A 93 -45.55 -13.38 -22.46
CA ASP A 93 -46.10 -14.69 -22.83
C ASP A 93 -45.02 -15.63 -23.36
N ILE A 94 -45.46 -16.86 -23.61
CA ILE A 94 -44.58 -17.90 -24.14
C ILE A 94 -43.98 -17.57 -25.55
N ASN A 95 -44.58 -16.62 -26.25
CA ASN A 95 -44.08 -16.18 -27.56
C ASN A 95 -43.05 -15.09 -27.56
N SER A 96 -42.61 -14.65 -26.39
CA SER A 96 -41.53 -13.68 -26.36
C SER A 96 -40.21 -14.41 -26.60
N GLU A 97 -39.30 -13.81 -27.37
CA GLU A 97 -37.87 -14.20 -27.31
C GLU A 97 -37.31 -14.28 -25.86
N TYR A 98 -37.80 -13.38 -24.99
CA TYR A 98 -37.38 -13.27 -23.60
C TYR A 98 -38.04 -14.29 -22.60
N THR A 99 -38.94 -15.17 -23.08
CA THR A 99 -39.60 -16.12 -22.17
C THR A 99 -38.58 -16.99 -21.51
N ALA A 100 -38.82 -17.29 -20.25
CA ALA A 100 -37.91 -18.12 -19.45
C ALA A 100 -38.31 -19.60 -19.51
N PHE A 101 -39.27 -19.94 -20.37
CA PHE A 101 -39.64 -21.33 -20.60
C PHE A 101 -39.11 -21.79 -21.95
N PRO A 102 -38.80 -23.10 -22.10
CA PRO A 102 -38.37 -23.70 -23.38
C PRO A 102 -39.26 -23.38 -24.60
N VAL A 103 -38.61 -23.11 -25.73
CA VAL A 103 -39.29 -22.72 -26.98
C VAL A 103 -39.77 -23.92 -27.82
N GLU A 104 -39.06 -25.04 -27.74
CA GLU A 104 -39.48 -26.31 -28.37
C GLU A 104 -40.92 -26.72 -28.03
N ASN A 105 -41.42 -26.36 -26.84
CA ASN A 105 -42.74 -26.81 -26.35
C ASN A 105 -43.68 -25.64 -26.05
N ARG A 106 -43.86 -24.70 -26.99
CA ARG A 106 -44.67 -23.49 -26.66
C ARG A 106 -46.17 -23.81 -26.36
N ASP A 107 -46.51 -25.09 -26.39
CA ASP A 107 -47.84 -25.55 -26.06
C ASP A 107 -47.86 -26.18 -24.69
N LEU A 108 -46.83 -26.96 -24.34
CA LEU A 108 -46.67 -27.45 -22.94
C LEU A 108 -46.66 -26.32 -21.91
N PHE A 109 -46.23 -25.11 -22.31
CA PHE A 109 -46.39 -23.92 -21.44
C PHE A 109 -47.06 -22.78 -22.21
N GLN A 110 -48.34 -22.93 -22.55
CA GLN A 110 -49.12 -21.83 -23.16
C GLN A 110 -49.27 -20.74 -22.13
N ALA A 111 -49.64 -21.14 -20.92
CA ALA A 111 -49.87 -20.22 -19.82
C ALA A 111 -48.57 -19.86 -19.12
N GLY A 112 -47.55 -19.48 -19.88
CA GLY A 112 -46.20 -19.27 -19.34
C GLY A 112 -45.89 -17.80 -19.33
N LEU A 113 -45.95 -17.20 -18.14
CA LEU A 113 -45.64 -15.79 -18.00
C LEU A 113 -44.27 -15.57 -17.38
N THR A 114 -43.42 -14.84 -18.10
CA THR A 114 -42.10 -14.47 -17.64
C THR A 114 -42.02 -12.95 -17.43
N THR A 115 -41.54 -12.53 -16.26
CA THR A 115 -41.19 -11.13 -15.99
C THR A 115 -39.66 -10.93 -15.90
N ILE A 116 -39.23 -9.82 -16.51
CA ILE A 116 -37.82 -9.47 -16.65
C ILE A 116 -37.57 -8.22 -15.86
N VAL A 117 -36.63 -8.28 -14.92
CA VAL A 117 -36.33 -7.16 -14.06
C VAL A 117 -34.86 -6.89 -14.06
N PRO A 118 -34.44 -5.72 -14.55
CA PRO A 118 -33.01 -5.41 -14.54
C PRO A 118 -32.48 -5.31 -13.13
N ILE A 119 -31.19 -5.60 -12.96
CA ILE A 119 -30.55 -5.46 -11.68
C ILE A 119 -29.54 -4.35 -11.83
N ILE A 120 -29.78 -3.28 -11.09
CA ILE A 120 -28.96 -2.15 -11.20
C ILE A 120 -28.19 -1.88 -9.90
N GLY A 121 -26.87 -1.79 -10.08
CA GLY A 121 -25.94 -1.66 -9.01
C GLY A 121 -25.67 -0.22 -8.68
N GLY A 122 -24.42 0.16 -8.83
CA GLY A 122 -24.01 1.50 -8.50
C GLY A 122 -24.22 2.35 -9.72
N GLY A 123 -25.44 2.27 -10.25
CA GLY A 123 -25.75 2.89 -11.51
C GLY A 123 -25.16 2.12 -12.67
N GLU A 124 -25.21 0.79 -12.57
CA GLU A 124 -24.84 -0.04 -13.69
C GLU A 124 -25.78 -1.19 -13.76
N ARG A 125 -25.91 -1.77 -14.92
CA ARG A 125 -26.69 -2.99 -15.04
C ARG A 125 -25.76 -4.14 -14.71
N LEU A 126 -26.00 -4.70 -13.55
CA LEU A 126 -25.14 -5.75 -13.05
C LEU A 126 -25.60 -7.08 -13.61
N GLY A 127 -26.90 -7.24 -13.80
CA GLY A 127 -27.41 -8.51 -14.29
C GLY A 127 -28.90 -8.42 -14.49
N THR A 128 -29.57 -9.55 -14.37
CA THR A 128 -31.02 -9.58 -14.57
C THR A 128 -31.73 -10.58 -13.69
N LEU A 129 -32.80 -10.14 -13.06
CA LEU A 129 -33.60 -11.01 -12.23
C LEU A 129 -34.73 -11.45 -13.09
N ILE A 130 -34.80 -12.77 -13.34
CA ILE A 130 -35.87 -13.34 -14.14
C ILE A 130 -36.88 -14.04 -13.23
N LEU A 131 -38.15 -13.70 -13.40
CA LEU A 131 -39.20 -14.42 -12.71
C LEU A 131 -40.12 -15.12 -13.71
N SER A 132 -40.48 -16.36 -13.44
CA SER A 132 -41.37 -17.07 -14.35
C SER A 132 -42.36 -17.91 -13.53
N ARG A 133 -43.59 -18.02 -14.02
CA ARG A 133 -44.57 -18.99 -13.51
C ARG A 133 -45.66 -19.33 -14.56
N LEU A 134 -46.38 -20.40 -14.25
CA LEU A 134 -47.44 -20.85 -15.09
C LEU A 134 -48.71 -20.11 -14.68
N GLN A 135 -49.55 -19.81 -15.66
CA GLN A 135 -50.82 -19.09 -15.48
C GLN A 135 -50.72 -17.70 -14.82
N ASP A 136 -50.48 -17.65 -13.51
CA ASP A 136 -50.78 -16.44 -12.73
C ASP A 136 -50.01 -15.18 -13.13
N GLN A 137 -50.78 -14.11 -13.35
CA GLN A 137 -50.23 -12.79 -13.69
C GLN A 137 -49.36 -12.23 -12.58
N PHE A 138 -48.53 -11.27 -12.94
CA PHE A 138 -47.61 -10.65 -12.02
C PHE A 138 -48.24 -9.31 -11.79
N ASN A 139 -48.89 -9.12 -10.64
CA ASN A 139 -49.59 -7.85 -10.35
C ASN A 139 -48.62 -6.79 -9.88
N ASP A 140 -49.09 -5.55 -9.83
CA ASP A 140 -48.31 -4.43 -9.28
C ASP A 140 -47.66 -4.75 -7.92
N ASP A 141 -48.43 -5.34 -7.01
CA ASP A 141 -47.93 -5.73 -5.68
C ASP A 141 -46.78 -6.75 -5.77
N ASP A 142 -46.84 -7.68 -6.74
CA ASP A 142 -45.75 -8.61 -7.00
C ASP A 142 -44.57 -7.86 -7.55
N LEU A 143 -44.85 -6.96 -8.48
CA LEU A 143 -43.79 -6.19 -9.12
C LEU A 143 -42.93 -5.39 -8.13
N ILE A 144 -43.54 -4.89 -7.07
CA ILE A 144 -42.78 -4.14 -6.10
C ILE A 144 -41.72 -5.06 -5.50
N LEU A 145 -42.13 -6.28 -5.14
CA LEU A 145 -41.24 -7.20 -4.48
C LEU A 145 -40.17 -7.71 -5.42
N ALA A 146 -40.48 -7.86 -6.71
CA ALA A 146 -39.40 -8.13 -7.69
C ALA A 146 -38.33 -7.02 -7.71
N GLU A 147 -38.76 -5.77 -7.86
CA GLU A 147 -37.85 -4.65 -7.95
C GLU A 147 -37.11 -4.35 -6.66
N TYR A 148 -37.77 -4.48 -5.52
CA TYR A 148 -37.06 -4.38 -4.28
C TYR A 148 -35.98 -5.45 -4.27
N GLY A 149 -36.42 -6.67 -4.52
CA GLY A 149 -35.52 -7.84 -4.61
C GLY A 149 -34.34 -7.70 -5.55
N ALA A 150 -34.60 -7.14 -6.72
CA ALA A 150 -33.56 -6.91 -7.70
C ALA A 150 -32.58 -6.00 -7.09
N THR A 151 -33.04 -4.83 -6.68
CA THR A 151 -32.15 -3.81 -6.13
C THR A 151 -31.24 -4.41 -5.07
N VAL A 152 -31.89 -5.21 -4.22
CA VAL A 152 -31.23 -5.89 -3.09
C VAL A 152 -30.18 -6.88 -3.56
N VAL A 153 -30.51 -7.69 -4.57
CA VAL A 153 -29.53 -8.58 -5.13
C VAL A 153 -28.39 -7.76 -5.74
N GLY A 154 -28.70 -6.65 -6.37
CA GLY A 154 -27.65 -5.83 -6.91
C GLY A 154 -26.67 -5.38 -5.84
N MET A 155 -27.17 -5.05 -4.65
CA MET A 155 -26.27 -4.69 -3.57
C MET A 155 -25.28 -5.78 -3.39
N GLU A 156 -25.79 -7.00 -3.38
CA GLU A 156 -24.99 -8.09 -2.94
C GLU A 156 -23.93 -8.47 -3.95
N ILE A 157 -24.31 -8.52 -5.23
CA ILE A 157 -23.32 -8.69 -6.31
C ILE A 157 -22.15 -7.75 -6.12
N LEU A 158 -22.43 -6.51 -5.75
CA LEU A 158 -21.41 -5.50 -5.55
C LEU A 158 -20.63 -5.72 -4.30
N ARG A 159 -21.30 -6.08 -3.21
CA ARG A 159 -20.59 -6.47 -1.99
C ARG A 159 -19.63 -7.64 -2.24
N GLU A 160 -20.10 -8.65 -2.99
CA GLU A 160 -19.26 -9.80 -3.27
C GLU A 160 -17.91 -9.37 -3.81
N LYS A 161 -17.87 -8.44 -4.76
CA LYS A 161 -16.62 -8.01 -5.32
C LYS A 161 -15.95 -7.18 -4.31
N ALA A 162 -16.71 -6.28 -3.70
CA ALA A 162 -16.12 -5.42 -2.70
C ALA A 162 -15.29 -6.23 -1.73
N GLU A 163 -15.89 -7.25 -1.15
CA GLU A 163 -15.17 -8.02 -0.18
C GLU A 163 -13.96 -8.75 -0.77
N GLU A 164 -14.08 -9.35 -1.96
CA GLU A 164 -12.90 -9.96 -2.61
C GLU A 164 -11.77 -8.94 -2.75
N ILE A 165 -12.01 -7.78 -3.35
CA ILE A 165 -10.89 -6.88 -3.60
C ILE A 165 -10.31 -6.38 -2.30
N GLU A 166 -11.15 -6.23 -1.27
CA GLU A 166 -10.70 -5.82 0.06
C GLU A 166 -9.82 -6.90 0.73
N GLU A 167 -10.26 -8.16 0.60
CA GLU A 167 -9.51 -9.29 1.09
C GLU A 167 -8.19 -9.47 0.39
N GLU A 168 -8.18 -9.35 -0.94
CA GLU A 168 -6.90 -9.36 -1.64
C GLU A 168 -6.00 -8.29 -1.05
N ALA A 169 -6.54 -7.09 -0.90
CA ALA A 169 -5.77 -5.93 -0.40
C ALA A 169 -5.05 -6.25 0.90
N ARG A 170 -5.79 -6.96 1.75
CA ARG A 170 -5.38 -7.35 3.08
C ARG A 170 -4.28 -8.37 2.96
N SER A 171 -4.46 -9.35 2.08
CA SER A 171 -3.48 -10.40 1.88
C SER A 171 -2.18 -9.82 1.38
N LYS A 172 -2.27 -8.94 0.39
CA LYS A 172 -1.08 -8.35 -0.21
C LYS A 172 -0.30 -7.63 0.87
N ALA A 173 -1.03 -7.00 1.77
CA ALA A 173 -0.41 -6.20 2.82
C ALA A 173 0.45 -7.03 3.71
N VAL A 174 -0.07 -8.21 4.02
CA VAL A 174 0.63 -9.14 4.85
C VAL A 174 1.91 -9.50 4.16
N VAL A 175 1.79 -9.91 2.92
CA VAL A 175 2.99 -10.27 2.21
C VAL A 175 4.01 -9.12 2.23
N GLN A 176 3.57 -7.89 2.02
CA GLN A 176 4.48 -6.78 2.11
C GLN A 176 5.09 -6.65 3.44
N MET A 177 4.31 -6.77 4.50
CA MET A 177 4.87 -6.75 5.85
C MET A 177 6.02 -7.70 6.01
N ALA A 178 5.79 -8.94 5.61
CA ALA A 178 6.76 -9.98 5.74
C ALA A 178 8.01 -9.68 4.96
N ILE A 179 7.88 -9.65 3.65
CA ILE A 179 9.02 -9.35 2.78
C ILE A 179 9.87 -8.17 3.19
N SER A 180 9.21 -7.09 3.58
CA SER A 180 9.96 -5.90 3.92
C SER A 180 10.76 -6.07 5.20
N SER A 181 10.21 -6.86 6.13
CA SER A 181 10.81 -7.16 7.40
C SER A 181 12.03 -8.08 7.32
N LEU A 182 12.22 -8.76 6.21
CA LEU A 182 13.28 -9.71 6.08
C LEU A 182 14.58 -9.13 5.56
N SER A 183 15.66 -9.50 6.20
CA SER A 183 17.01 -9.10 5.79
C SER A 183 17.46 -9.91 4.59
N TYR A 184 18.40 -9.37 3.85
CA TYR A 184 18.87 -9.99 2.63
C TYR A 184 19.16 -11.44 2.86
N SER A 185 20.02 -11.75 3.78
CA SER A 185 20.32 -13.16 4.03
C SER A 185 19.07 -13.98 4.41
N GLU A 186 18.19 -13.41 5.23
CA GLU A 186 17.01 -14.13 5.66
C GLU A 186 16.15 -14.41 4.47
N LEU A 187 16.00 -13.41 3.62
CA LEU A 187 15.18 -13.59 2.43
C LEU A 187 15.74 -14.79 1.64
N GLU A 188 17.05 -14.78 1.39
CA GLU A 188 17.65 -15.85 0.64
C GLU A 188 17.18 -17.14 1.27
N ALA A 189 17.30 -17.21 2.60
CA ALA A 189 16.96 -18.41 3.35
C ALA A 189 15.54 -18.89 3.12
N ILE A 190 14.61 -17.94 3.07
CA ILE A 190 13.21 -18.25 2.82
C ILE A 190 13.05 -18.89 1.47
N GLU A 191 13.58 -18.24 0.42
CA GLU A 191 13.61 -18.83 -0.92
C GLU A 191 13.95 -20.31 -0.84
N HIS A 192 14.98 -20.66 -0.07
CA HIS A 192 15.29 -22.09 0.17
C HIS A 192 14.23 -22.88 0.85
N ILE A 193 13.91 -22.52 2.09
CA ILE A 193 12.97 -23.31 2.87
C ILE A 193 11.71 -23.68 2.05
N PHE A 194 11.18 -22.71 1.28
CA PHE A 194 10.03 -22.89 0.39
C PHE A 194 10.37 -23.73 -0.86
N GLU A 195 11.61 -23.60 -1.35
CA GLU A 195 12.18 -24.51 -2.37
C GLU A 195 12.26 -25.97 -1.88
N GLU A 196 12.84 -26.17 -0.70
CA GLU A 196 13.01 -27.50 -0.06
C GLU A 196 11.72 -28.20 0.37
N LEU A 197 10.57 -27.55 0.19
CA LEU A 197 9.27 -28.23 0.20
C LEU A 197 8.47 -27.85 -1.06
N ASP A 198 7.33 -28.52 -1.29
CA ASP A 198 6.42 -28.21 -2.40
CA ASP A 198 6.42 -28.22 -2.39
C ASP A 198 4.98 -28.55 -2.00
N GLY A 199 4.29 -27.54 -1.47
CA GLY A 199 2.97 -27.65 -0.86
C GLY A 199 2.72 -26.42 0.03
N ASN A 200 1.53 -26.31 0.59
CA ASN A 200 1.21 -25.16 1.42
C ASN A 200 1.64 -25.39 2.86
N GLU A 201 2.04 -26.60 3.21
CA GLU A 201 2.52 -26.88 4.57
C GLU A 201 3.67 -27.87 4.56
N GLY A 202 4.19 -28.17 5.75
CA GLY A 202 5.17 -29.23 5.91
C GLY A 202 6.24 -29.00 6.96
N LEU A 203 6.91 -30.10 7.30
CA LEU A 203 7.83 -30.19 8.43
C LEU A 203 9.26 -30.03 7.96
N LEU A 204 10.14 -29.50 8.83
CA LEU A 204 11.56 -29.31 8.48
C LEU A 204 12.45 -29.00 9.66
N VAL A 205 13.61 -29.67 9.71
CA VAL A 205 14.59 -29.38 10.73
C VAL A 205 15.59 -28.39 10.20
N ALA A 206 15.73 -27.27 10.92
CA ALA A 206 16.60 -26.18 10.52
C ALA A 206 18.08 -26.54 10.55
N SER A 207 18.47 -27.30 11.58
CA SER A 207 19.82 -27.84 11.72
C SER A 207 20.22 -28.57 10.44
N LYS A 208 19.35 -29.47 10.00
CA LYS A 208 19.58 -30.22 8.77
C LYS A 208 19.71 -29.29 7.58
N ILE A 209 18.80 -28.33 7.47
CA ILE A 209 18.76 -27.42 6.30
C ILE A 209 20.02 -26.55 6.30
N ALA A 210 20.48 -26.22 7.50
CA ALA A 210 21.61 -25.36 7.69
C ALA A 210 22.88 -25.86 7.02
N ASP A 211 23.17 -27.13 7.23
CA ASP A 211 24.42 -27.74 6.77
C ASP A 211 24.29 -28.09 5.28
N ARG A 212 23.10 -28.58 4.90
CA ARG A 212 22.79 -28.90 3.51
C ARG A 212 23.15 -27.76 2.56
N VAL A 213 22.48 -26.63 2.74
CA VAL A 213 22.53 -25.53 1.79
C VAL A 213 23.66 -24.54 2.14
N GLY A 214 24.22 -24.67 3.35
CA GLY A 214 25.33 -23.81 3.78
C GLY A 214 24.87 -22.44 4.23
N ILE A 215 23.93 -22.44 5.17
CA ILE A 215 23.35 -21.22 5.75
C ILE A 215 23.24 -21.42 7.27
N THR A 216 23.37 -20.35 8.04
CA THR A 216 23.34 -20.46 9.50
C THR A 216 22.00 -20.91 10.03
N ARG A 217 21.96 -21.94 10.88
CA ARG A 217 20.73 -22.26 11.63
C ARG A 217 20.07 -20.94 12.03
N SER A 218 20.87 -20.09 12.66
CA SER A 218 20.41 -18.83 13.20
C SER A 218 19.46 -18.15 12.27
N VAL A 219 19.88 -17.96 11.04
CA VAL A 219 19.12 -17.09 10.14
C VAL A 219 17.84 -17.78 9.75
N ILE A 220 17.95 -19.01 9.25
CA ILE A 220 16.74 -19.79 8.93
C ILE A 220 15.70 -19.58 10.02
N VAL A 221 16.19 -19.66 11.25
CA VAL A 221 15.34 -19.62 12.43
C VAL A 221 14.73 -18.26 12.68
N ASN A 222 15.49 -17.19 12.51
CA ASN A 222 14.98 -15.82 12.62
CA ASN A 222 14.87 -15.88 12.68
C ASN A 222 14.07 -15.51 11.44
N ALA A 223 14.38 -16.11 10.29
CA ALA A 223 13.61 -15.84 9.08
C ALA A 223 12.18 -16.32 9.22
N LEU A 224 12.00 -17.61 9.47
CA LEU A 224 10.73 -18.18 9.95
C LEU A 224 9.99 -17.39 11.06
N ARG A 225 10.74 -16.97 12.09
CA ARG A 225 10.20 -16.11 13.16
CA ARG A 225 10.15 -16.15 13.13
C ARG A 225 9.56 -14.83 12.58
N LYS A 226 10.13 -14.28 11.52
CA LYS A 226 9.60 -13.02 11.01
C LYS A 226 8.35 -13.24 10.17
N LEU A 227 8.37 -14.35 9.46
CA LEU A 227 7.30 -14.71 8.58
C LEU A 227 6.13 -15.00 9.44
N GLU A 228 6.40 -15.50 10.64
CA GLU A 228 5.35 -15.99 11.50
C GLU A 228 4.71 -14.83 12.25
N SER A 229 5.54 -13.91 12.68
CA SER A 229 5.06 -12.66 13.18
C SER A 229 4.30 -11.85 12.15
N ALA A 230 4.66 -11.93 10.87
CA ALA A 230 3.86 -11.23 9.85
C ALA A 230 2.46 -11.81 9.68
N GLY A 231 2.33 -13.10 9.97
CA GLY A 231 1.10 -13.79 9.73
C GLY A 231 1.15 -14.63 8.50
N VAL A 232 2.27 -14.66 7.82
CA VAL A 232 2.42 -15.47 6.63
C VAL A 232 2.42 -16.97 6.95
N ILE A 233 2.86 -17.38 8.13
CA ILE A 233 2.78 -18.78 8.53
C ILE A 233 2.56 -18.93 10.01
N GLU A 234 2.33 -20.20 10.40
CA GLU A 234 2.28 -20.61 11.81
C GLU A 234 3.22 -21.80 12.05
N SER A 235 4.01 -21.77 13.12
CA SER A 235 4.93 -22.88 13.40
C SER A 235 4.75 -23.53 14.75
N ARG A 236 4.73 -24.86 14.78
CA ARG A 236 4.69 -25.58 16.05
C ARG A 236 6.06 -26.15 16.31
N SER A 237 6.63 -25.86 17.47
CA SER A 237 7.93 -26.44 17.78
C SER A 237 7.67 -27.90 17.97
N LEU A 238 8.33 -28.74 17.20
CA LEU A 238 8.12 -30.17 17.27
C LEU A 238 9.26 -30.88 18.02
N GLY A 239 10.04 -30.08 18.76
CA GLY A 239 10.91 -30.60 19.80
C GLY A 239 12.11 -31.34 19.27
N MET A 240 12.15 -32.67 19.48
CA MET A 240 13.36 -33.46 19.15
C MET A 240 13.73 -33.36 17.67
N LYS A 241 12.71 -33.20 16.82
CA LYS A 241 12.83 -32.92 15.39
C LYS A 241 12.08 -31.64 15.17
N GLY A 242 12.05 -31.17 13.93
CA GLY A 242 12.08 -29.74 13.70
C GLY A 242 10.87 -29.00 14.18
N THR A 243 10.14 -28.48 13.20
CA THR A 243 9.19 -27.42 13.40
C THR A 243 8.20 -27.55 12.28
N TYR A 244 6.94 -27.74 12.61
CA TYR A 244 5.88 -27.84 11.63
C TYR A 244 5.53 -26.46 11.14
N ILE A 245 5.32 -26.29 9.85
CA ILE A 245 5.18 -24.99 9.22
C ILE A 245 4.02 -25.01 8.25
N LYS A 246 3.10 -24.05 8.39
CA LYS A 246 1.86 -24.01 7.62
C LYS A 246 1.71 -22.61 7.08
N VAL A 247 1.72 -22.48 5.77
CA VAL A 247 1.57 -21.17 5.12
C VAL A 247 0.16 -20.71 5.27
N LEU A 248 -0.04 -19.53 5.83
CA LEU A 248 -1.36 -18.96 5.95
C LEU A 248 -1.70 -18.07 4.75
N ASN A 249 -0.70 -17.60 4.02
CA ASN A 249 -0.91 -16.72 2.89
C ASN A 249 -0.38 -17.32 1.59
N ASN A 250 -1.27 -18.00 0.89
CA ASN A 250 -1.14 -18.31 -0.56
C ASN A 250 -0.28 -17.31 -1.40
N LYS A 251 -0.74 -16.05 -1.50
CA LYS A 251 -0.04 -14.98 -2.20
C LYS A 251 1.47 -14.93 -1.83
N PHE A 252 1.86 -15.40 -0.64
CA PHE A 252 3.21 -15.17 -0.21
C PHE A 252 4.22 -15.76 -1.15
N LEU A 253 3.97 -17.01 -1.53
CA LEU A 253 5.01 -17.86 -2.18
C LEU A 253 5.16 -17.47 -3.64
N ILE A 254 4.04 -17.01 -4.20
CA ILE A 254 4.02 -16.43 -5.54
C ILE A 254 4.94 -15.23 -5.55
N GLU A 255 4.74 -14.34 -4.60
CA GLU A 255 5.62 -13.19 -4.41
C GLU A 255 7.09 -13.54 -4.38
N LEU A 256 7.42 -14.64 -3.70
CA LEU A 256 8.80 -15.10 -3.61
C LEU A 256 9.49 -15.50 -4.92
N GLU A 257 8.71 -15.91 -5.90
CA GLU A 257 9.22 -16.08 -7.27
C GLU A 257 9.49 -14.73 -7.95
N ASN A 258 8.46 -13.91 -8.06
CA ASN A 258 8.49 -12.67 -8.85
C ASN A 258 9.83 -11.96 -8.85
N LEU A 259 10.35 -11.71 -7.65
CA LEU A 259 11.74 -11.28 -7.52
C LEU A 259 12.63 -12.48 -7.77
N LYS A 260 13.42 -12.40 -8.84
CA LYS A 260 14.32 -13.49 -9.21
C LYS A 260 15.71 -12.99 -9.58
N SER A 261 16.60 -13.06 -8.59
CA SER A 261 18.06 -13.01 -8.81
C SER A 261 18.75 -13.80 -7.70
N ALA B 5 50.57 5.98 -5.21
CA ALA B 5 50.40 4.52 -5.18
C ALA B 5 49.03 4.27 -4.65
N SER B 6 48.84 4.27 -3.33
CA SER B 6 47.66 3.66 -2.69
C SER B 6 46.44 4.56 -2.78
N LEU B 7 46.68 5.83 -2.48
CA LEU B 7 45.65 6.83 -2.50
C LEU B 7 44.94 6.88 -3.82
N GLN B 8 45.68 6.76 -4.91
CA GLN B 8 45.08 6.77 -6.24
C GLN B 8 44.09 5.65 -6.34
N LYS B 9 44.59 4.42 -6.39
CA LYS B 9 43.80 3.20 -6.47
C LYS B 9 42.52 3.12 -5.62
N THR B 10 42.58 3.61 -4.38
CA THR B 10 41.39 3.64 -3.54
C THR B 10 40.35 4.56 -4.17
N ARG B 11 40.80 5.72 -4.61
CA ARG B 11 39.93 6.63 -5.34
C ARG B 11 39.41 6.00 -6.62
N ILE B 12 40.30 5.34 -7.37
CA ILE B 12 39.88 4.69 -8.62
C ILE B 12 38.64 3.84 -8.40
N ILE B 13 38.61 3.16 -7.27
CA ILE B 13 37.44 2.42 -6.87
C ILE B 13 36.29 3.38 -6.68
N ASN B 14 36.39 4.27 -5.69
CA ASN B 14 35.35 5.28 -5.45
C ASN B 14 34.76 5.82 -6.76
N SER B 15 35.63 6.17 -7.70
CA SER B 15 35.23 6.69 -9.02
C SER B 15 34.23 5.79 -9.73
N MET B 16 34.61 4.52 -9.85
CA MET B 16 33.81 3.49 -10.52
C MET B 16 32.45 3.28 -9.84
N LEU B 17 32.48 3.15 -8.51
CA LEU B 17 31.25 3.10 -7.72
C LEU B 17 30.23 4.25 -8.02
N GLN B 18 30.72 5.47 -8.15
CA GLN B 18 29.86 6.64 -8.33
C GLN B 18 29.39 6.72 -9.77
N ALA B 19 30.25 6.25 -10.68
CA ALA B 19 29.87 6.08 -12.07
C ALA B 19 28.63 5.22 -12.14
N ALA B 20 28.65 4.12 -11.38
CA ALA B 20 27.62 3.08 -11.41
C ALA B 20 26.28 3.42 -10.73
N ALA B 21 26.24 4.42 -9.84
CA ALA B 21 24.96 4.93 -9.29
C ALA B 21 24.13 5.57 -10.38
N GLY B 22 22.82 5.33 -10.32
CA GLY B 22 21.92 5.72 -11.38
C GLY B 22 21.64 4.46 -12.17
N LYS B 23 22.67 3.95 -12.83
CA LYS B 23 22.58 2.75 -13.70
C LYS B 23 22.44 1.52 -12.81
N PRO B 24 21.83 0.47 -13.37
CA PRO B 24 21.67 -0.70 -12.57
C PRO B 24 23.03 -1.40 -12.33
N VAL B 25 23.08 -2.13 -11.22
CA VAL B 25 24.30 -2.76 -10.71
C VAL B 25 24.95 -3.63 -11.75
N ASN B 26 26.24 -3.39 -12.05
CA ASN B 26 26.96 -4.21 -13.04
C ASN B 26 28.19 -4.82 -12.40
N PHE B 27 28.15 -6.12 -12.21
CA PHE B 27 29.23 -6.77 -11.51
C PHE B 27 30.46 -6.97 -12.38
N LYS B 28 30.28 -7.33 -13.66
CA LYS B 28 31.47 -7.50 -14.52
C LYS B 28 32.35 -6.27 -14.49
N GLU B 29 31.76 -5.11 -14.76
CA GLU B 29 32.45 -3.82 -14.63
C GLU B 29 33.23 -3.73 -13.30
N MET B 30 32.56 -4.00 -12.20
CA MET B 30 33.20 -3.91 -10.88
CA MET B 30 33.17 -3.92 -10.87
C MET B 30 34.38 -4.86 -10.73
N ALA B 31 34.22 -6.11 -11.15
CA ALA B 31 35.30 -7.10 -11.14
C ALA B 31 36.47 -6.69 -12.01
N GLU B 32 36.18 -6.19 -13.20
CA GLU B 32 37.24 -5.71 -14.08
C GLU B 32 38.04 -4.62 -13.37
N THR B 33 37.32 -3.67 -12.78
CA THR B 33 37.97 -2.54 -12.15
C THR B 33 38.85 -2.99 -11.03
N LEU B 34 38.39 -3.93 -10.23
CA LEU B 34 39.23 -4.49 -9.18
C LEU B 34 40.41 -5.24 -9.75
N ARG B 35 40.19 -6.04 -10.80
CA ARG B 35 41.33 -6.71 -11.46
C ARG B 35 42.44 -5.76 -11.89
N ASP B 36 42.03 -4.63 -12.45
CA ASP B 36 43.00 -3.65 -12.89
C ASP B 36 43.74 -3.05 -11.70
N VAL B 37 43.01 -2.49 -10.72
CA VAL B 37 43.71 -1.81 -9.61
C VAL B 37 44.51 -2.75 -8.70
N ILE B 38 44.05 -4.00 -8.54
CA ILE B 38 44.71 -4.97 -7.62
C ILE B 38 45.73 -5.84 -8.35
N ASP B 39 45.60 -5.93 -9.68
CA ASP B 39 46.47 -6.79 -10.50
C ASP B 39 46.31 -8.24 -10.10
N SER B 40 45.11 -8.78 -10.32
CA SER B 40 44.82 -10.12 -9.89
C SER B 40 43.48 -10.62 -10.42
N ASN B 41 43.29 -11.93 -10.36
CA ASN B 41 42.01 -12.52 -10.73
C ASN B 41 41.03 -12.16 -9.64
N ILE B 42 39.84 -11.79 -10.05
CA ILE B 42 38.74 -11.43 -9.17
C ILE B 42 37.54 -12.35 -9.47
N PHE B 43 36.98 -12.92 -8.40
CA PHE B 43 35.79 -13.73 -8.51
C PHE B 43 34.85 -13.31 -7.41
N VAL B 44 33.68 -12.81 -7.79
CA VAL B 44 32.65 -12.36 -6.85
C VAL B 44 31.63 -13.49 -6.79
N VAL B 45 31.54 -14.13 -5.62
CA VAL B 45 30.74 -15.31 -5.45
C VAL B 45 29.57 -15.04 -4.51
N SER B 46 28.38 -15.50 -4.91
CA SER B 46 27.19 -15.37 -4.08
C SER B 46 27.33 -16.35 -2.96
N ARG B 47 26.33 -16.39 -2.08
CA ARG B 47 26.31 -17.34 -0.96
C ARG B 47 26.25 -18.81 -1.49
N ARG B 48 25.78 -19.05 -2.71
CA ARG B 48 25.60 -20.41 -3.23
C ARG B 48 26.43 -20.71 -4.48
N GLY B 49 27.48 -19.91 -4.71
CA GLY B 49 28.40 -20.20 -5.78
C GLY B 49 28.09 -19.54 -7.12
N LYS B 50 26.97 -18.84 -7.25
CA LYS B 50 26.73 -18.04 -8.46
C LYS B 50 27.85 -16.99 -8.58
N LEU B 51 28.63 -17.08 -9.64
CA LEU B 51 29.63 -16.07 -9.96
C LEU B 51 28.89 -14.87 -10.42
N LEU B 52 28.74 -13.91 -9.53
CA LEU B 52 28.01 -12.69 -9.89
C LEU B 52 28.76 -11.92 -10.97
N GLY B 53 30.08 -11.88 -10.80
CA GLY B 53 30.98 -11.27 -11.79
C GLY B 53 32.38 -11.79 -11.57
N TYR B 54 33.22 -11.68 -12.59
CA TYR B 54 34.61 -12.11 -12.45
C TYR B 54 35.46 -11.49 -13.53
N SER B 55 36.75 -11.27 -13.24
CA SER B 55 37.65 -10.75 -14.28
C SER B 55 38.96 -11.44 -14.18
N ILE B 56 39.38 -12.03 -15.31
CA ILE B 56 40.55 -12.88 -15.34
C ILE B 56 41.80 -12.11 -15.74
N ASN B 57 42.83 -12.19 -14.91
CA ASN B 57 44.08 -11.51 -15.11
C ASN B 57 45.12 -12.39 -15.76
N GLN B 58 44.95 -13.72 -15.67
CA GLN B 58 45.83 -14.73 -16.31
C GLN B 58 45.06 -16.05 -16.50
N GLN B 59 44.85 -16.51 -17.75
CA GLN B 59 44.03 -17.72 -18.02
C GLN B 59 44.61 -18.95 -17.37
N ILE B 60 43.75 -19.95 -17.27
CA ILE B 60 44.04 -21.21 -16.64
C ILE B 60 43.55 -22.25 -17.62
N GLU B 61 44.46 -23.06 -18.16
CA GLU B 61 44.07 -24.15 -19.06
C GLU B 61 43.58 -25.37 -18.25
N ASN B 62 42.25 -25.46 -18.17
CA ASN B 62 41.59 -26.44 -17.34
C ASN B 62 40.12 -26.45 -17.75
N ASP B 63 39.66 -27.59 -18.28
CA ASP B 63 38.30 -27.68 -18.85
C ASP B 63 37.19 -27.46 -17.81
N ARG B 64 37.39 -27.96 -16.61
CA ARG B 64 36.43 -27.78 -15.55
C ARG B 64 36.35 -26.31 -15.15
N MET B 65 37.49 -25.68 -14.92
CA MET B 65 37.55 -24.25 -14.69
C MET B 65 36.82 -23.53 -15.85
N LYS B 66 37.19 -23.89 -17.09
CA LYS B 66 36.50 -23.44 -18.32
C LYS B 66 34.96 -23.49 -18.15
N LYS B 67 34.44 -24.60 -17.57
CA LYS B 67 33.00 -24.83 -17.36
C LYS B 67 32.41 -23.88 -16.36
N MET B 68 33.12 -23.71 -15.25
CA MET B 68 32.64 -22.87 -14.15
C MET B 68 32.32 -21.43 -14.64
N LEU B 69 33.23 -20.84 -15.38
CA LEU B 69 33.06 -19.47 -15.89
C LEU B 69 31.93 -19.40 -16.93
N GLU B 70 31.78 -20.46 -17.73
CA GLU B 70 30.70 -20.62 -18.71
C GLU B 70 29.35 -20.68 -17.99
N ASP B 71 29.26 -21.66 -17.09
CA ASP B 71 28.05 -21.89 -16.30
C ASP B 71 27.81 -20.82 -15.25
N ARG B 72 28.80 -19.94 -15.02
CA ARG B 72 28.71 -18.87 -14.02
C ARG B 72 28.46 -19.49 -12.64
N GLN B 73 29.07 -20.65 -12.37
CA GLN B 73 28.84 -21.41 -11.14
C GLN B 73 30.10 -22.12 -10.63
N PHE B 74 30.30 -22.09 -9.32
CA PHE B 74 31.43 -22.78 -8.66
C PHE B 74 30.88 -23.98 -7.92
N PRO B 75 31.75 -24.94 -7.54
CA PRO B 75 31.28 -26.10 -6.82
C PRO B 75 30.46 -25.77 -5.55
N GLU B 76 29.37 -26.51 -5.31
CA GLU B 76 28.60 -26.39 -4.08
C GLU B 76 29.51 -26.54 -2.87
N GLU B 77 30.28 -27.62 -2.82
CA GLU B 77 31.10 -27.92 -1.61
C GLU B 77 32.15 -26.84 -1.33
N TYR B 78 32.82 -26.39 -2.38
CA TYR B 78 33.84 -25.36 -2.24
C TYR B 78 33.25 -24.06 -1.77
N THR B 79 32.08 -23.72 -2.32
CA THR B 79 31.41 -22.46 -2.02
C THR B 79 30.94 -22.47 -0.58
N LYS B 80 30.20 -23.50 -0.21
CA LYS B 80 29.73 -23.67 1.19
C LYS B 80 30.84 -23.56 2.25
N ASN B 81 32.05 -24.00 1.90
CA ASN B 81 33.18 -24.02 2.84
CA ASN B 81 33.16 -24.02 2.82
C ASN B 81 33.74 -22.63 3.08
N LEU B 82 33.47 -21.68 2.19
CA LEU B 82 33.97 -20.32 2.35
C LEU B 82 33.29 -19.58 3.49
N PHE B 83 32.01 -19.89 3.78
CA PHE B 83 31.38 -19.30 5.00
C PHE B 83 32.14 -19.60 6.29
N ASN B 84 32.96 -20.65 6.33
CA ASN B 84 33.84 -20.88 7.47
C ASN B 84 35.05 -19.95 7.56
N VAL B 85 35.26 -19.07 6.59
CA VAL B 85 36.30 -18.07 6.69
C VAL B 85 35.59 -16.83 7.19
N PRO B 86 35.69 -16.55 8.50
CA PRO B 86 34.95 -15.40 9.08
C PRO B 86 35.59 -14.02 8.79
N GLU B 87 36.91 -13.98 8.75
CA GLU B 87 37.66 -12.80 8.35
C GLU B 87 38.48 -13.17 7.14
N THR B 88 38.86 -12.15 6.35
CA THR B 88 39.88 -12.22 5.28
C THR B 88 41.02 -13.14 5.62
N SER B 89 41.32 -14.07 4.72
CA SER B 89 42.42 -15.01 4.87
C SER B 89 43.24 -14.90 3.61
N SER B 90 44.51 -14.54 3.82
CA SER B 90 45.38 -13.98 2.78
C SER B 90 46.54 -14.90 2.51
N ASN B 91 46.80 -15.09 1.23
CA ASN B 91 47.99 -15.79 0.76
C ASN B 91 47.95 -17.27 1.07
N LEU B 92 46.93 -17.92 0.54
CA LEU B 92 46.75 -19.34 0.75
C LEU B 92 47.40 -20.08 -0.39
N ASP B 93 48.35 -20.94 -0.03
CA ASP B 93 49.16 -21.69 -0.97
C ASP B 93 48.27 -22.66 -1.72
N ILE B 94 48.85 -23.31 -2.72
CA ILE B 94 48.11 -24.26 -3.54
C ILE B 94 47.57 -25.47 -2.71
N ASN B 95 48.16 -25.72 -1.55
CA ASN B 95 47.69 -26.79 -0.65
C ASN B 95 46.53 -26.47 0.30
N SER B 96 45.87 -25.30 0.17
CA SER B 96 44.71 -24.99 1.03
C SER B 96 43.45 -25.55 0.41
N GLU B 97 42.52 -25.97 1.26
CA GLU B 97 41.17 -26.32 0.77
C GLU B 97 40.47 -25.14 0.09
N TYR B 98 40.92 -23.94 0.42
CA TYR B 98 40.36 -22.70 -0.09
C TYR B 98 41.01 -22.22 -1.39
N THR B 99 42.00 -22.95 -1.93
CA THR B 99 42.68 -22.44 -3.12
C THR B 99 41.72 -22.28 -4.30
N ALA B 100 41.93 -21.22 -5.06
CA ALA B 100 41.06 -20.89 -6.17
C ALA B 100 41.62 -21.49 -7.43
N PHE B 101 42.66 -22.32 -7.31
CA PHE B 101 43.21 -22.99 -8.45
C PHE B 101 42.69 -24.41 -8.47
N PRO B 102 42.51 -25.00 -9.68
CA PRO B 102 42.16 -26.42 -9.78
C PRO B 102 43.11 -27.32 -9.00
N VAL B 103 42.57 -28.37 -8.41
CA VAL B 103 43.35 -29.26 -7.55
C VAL B 103 44.08 -30.28 -8.40
N GLU B 104 43.47 -30.68 -9.52
CA GLU B 104 44.10 -31.64 -10.44
C GLU B 104 45.50 -31.24 -10.86
N ASN B 105 45.76 -29.93 -10.89
CA ASN B 105 47.04 -29.44 -11.36
C ASN B 105 47.77 -28.66 -10.31
N ARG B 106 47.87 -29.23 -9.10
CA ARG B 106 48.67 -28.61 -8.03
C ARG B 106 50.15 -28.34 -8.39
N ASP B 107 50.65 -28.91 -9.50
CA ASP B 107 52.04 -28.70 -9.98
C ASP B 107 52.13 -27.56 -10.97
N LEU B 108 51.22 -27.60 -11.93
CA LEU B 108 51.08 -26.57 -12.90
C LEU B 108 50.93 -25.18 -12.21
N PHE B 109 50.35 -25.13 -11.01
CA PHE B 109 50.31 -23.88 -10.23
C PHE B 109 50.81 -24.07 -8.81
N GLN B 110 52.12 -24.34 -8.68
CA GLN B 110 52.77 -24.48 -7.35
C GLN B 110 52.89 -23.16 -6.66
N ALA B 111 53.28 -22.11 -7.38
CA ALA B 111 53.23 -20.74 -6.82
C ALA B 111 51.85 -20.10 -7.04
N GLY B 112 50.83 -20.73 -6.48
CA GLY B 112 49.46 -20.24 -6.60
C GLY B 112 49.00 -19.68 -5.29
N LEU B 113 48.87 -18.35 -5.23
CA LEU B 113 48.35 -17.69 -4.05
C LEU B 113 46.89 -17.35 -4.29
N THR B 114 46.03 -17.77 -3.36
CA THR B 114 44.64 -17.34 -3.31
C THR B 114 44.39 -16.58 -2.04
N THR B 115 43.72 -15.44 -2.15
CA THR B 115 43.26 -14.68 -1.00
C THR B 115 41.73 -14.61 -1.00
N ILE B 116 41.15 -14.80 0.19
CA ILE B 116 39.72 -14.91 0.40
C ILE B 116 39.29 -13.79 1.29
N VAL B 117 38.30 -13.02 0.83
CA VAL B 117 37.83 -11.82 1.51
C VAL B 117 36.32 -11.85 1.64
N PRO B 118 35.81 -11.83 2.86
CA PRO B 118 34.36 -11.88 3.00
C PRO B 118 33.69 -10.62 2.48
N ILE B 119 32.43 -10.72 2.05
CA ILE B 119 31.71 -9.57 1.56
C ILE B 119 30.58 -9.34 2.50
N ILE B 120 30.67 -8.25 3.26
CA ILE B 120 29.82 -8.08 4.39
C ILE B 120 28.89 -6.92 4.17
N GLY B 121 27.57 -7.21 4.27
CA GLY B 121 26.47 -6.33 3.88
C GLY B 121 25.96 -5.60 5.07
N GLY B 122 24.67 -5.70 5.33
CA GLY B 122 24.10 -5.04 6.49
C GLY B 122 24.36 -5.79 7.79
N GLY B 123 25.63 -5.93 8.16
CA GLY B 123 26.04 -6.85 9.22
C GLY B 123 25.78 -8.30 8.85
N GLU B 124 26.08 -8.68 7.62
CA GLU B 124 25.66 -9.97 7.11
C GLU B 124 26.62 -10.48 6.08
N ARG B 125 26.77 -11.79 5.96
CA ARG B 125 27.74 -12.25 5.01
C ARG B 125 27.02 -12.46 3.69
N LEU B 126 27.21 -11.53 2.76
CA LEU B 126 26.46 -11.56 1.53
C LEU B 126 27.10 -12.43 0.50
N GLY B 127 28.41 -12.62 0.59
CA GLY B 127 29.08 -13.42 -0.42
C GLY B 127 30.53 -13.46 -0.11
N THR B 128 31.34 -13.71 -1.13
CA THR B 128 32.78 -13.79 -0.94
C THR B 128 33.54 -13.30 -2.17
N LEU B 129 34.58 -12.49 -1.92
CA LEU B 129 35.43 -11.97 -2.99
C LEU B 129 36.70 -12.77 -3.02
N ILE B 130 36.98 -13.45 -4.13
CA ILE B 130 38.14 -14.33 -4.19
C ILE B 130 39.15 -13.71 -5.10
N LEU B 131 40.39 -13.61 -4.62
CA LEU B 131 41.49 -13.09 -5.47
C LEU B 131 42.56 -14.13 -5.61
N SER B 132 43.03 -14.37 -6.84
CA SER B 132 44.09 -15.34 -7.10
C SER B 132 45.09 -14.77 -8.08
N ARG B 133 46.36 -15.14 -7.92
CA ARG B 133 47.40 -14.99 -8.96
C ARG B 133 48.57 -15.96 -8.76
N LEU B 134 49.35 -16.12 -9.82
CA LEU B 134 50.59 -16.90 -9.82
C LEU B 134 51.71 -16.10 -9.16
N GLN B 135 52.46 -16.76 -8.28
CA GLN B 135 53.64 -16.18 -7.70
C GLN B 135 53.34 -15.02 -6.75
N ASP B 136 53.01 -13.84 -7.28
CA ASP B 136 53.11 -12.61 -6.50
C ASP B 136 52.29 -12.59 -5.24
N GLN B 137 52.96 -12.27 -4.13
CA GLN B 137 52.27 -12.16 -2.83
C GLN B 137 51.22 -11.05 -2.81
N PHE B 138 50.32 -11.14 -1.84
CA PHE B 138 49.27 -10.14 -1.64
C PHE B 138 49.73 -9.37 -0.43
N ASN B 139 50.18 -8.16 -0.65
CA ASN B 139 50.74 -7.39 0.46
C ASN B 139 49.63 -6.63 1.14
N ASP B 140 49.92 -6.03 2.31
CA ASP B 140 48.95 -5.17 3.04
C ASP B 140 48.36 -4.03 2.15
N ASP B 141 49.14 -3.47 1.23
CA ASP B 141 48.60 -2.49 0.28
C ASP B 141 47.59 -3.11 -0.67
N ASP B 142 47.83 -4.33 -1.12
CA ASP B 142 46.83 -5.02 -1.93
C ASP B 142 45.59 -5.38 -1.08
N LEU B 143 45.82 -5.78 0.15
CA LEU B 143 44.73 -6.16 1.04
C LEU B 143 43.77 -5.04 1.35
N ILE B 144 44.27 -3.81 1.46
CA ILE B 144 43.40 -2.66 1.71
C ILE B 144 42.41 -2.50 0.56
N LEU B 145 42.96 -2.56 -0.66
CA LEU B 145 42.12 -2.47 -1.86
C LEU B 145 41.15 -3.63 -2.04
N ALA B 146 41.52 -4.83 -1.61
CA ALA B 146 40.57 -5.92 -1.65
C ALA B 146 39.42 -5.62 -0.73
N GLU B 147 39.69 -5.31 0.52
CA GLU B 147 38.60 -5.13 1.47
C GLU B 147 37.76 -3.90 1.10
N TYR B 148 38.37 -2.84 0.64
CA TYR B 148 37.57 -1.73 0.23
C TYR B 148 36.59 -2.30 -0.79
N GLY B 149 37.12 -2.85 -1.86
CA GLY B 149 36.34 -3.34 -2.98
C GLY B 149 35.32 -4.43 -2.63
N ALA B 150 35.64 -5.23 -1.62
CA ALA B 150 34.69 -6.18 -1.11
C ALA B 150 33.50 -5.42 -0.55
N THR B 151 33.75 -4.50 0.39
CA THR B 151 32.71 -3.68 1.04
C THR B 151 31.81 -3.07 -0.03
N VAL B 152 32.46 -2.55 -1.06
CA VAL B 152 31.80 -1.78 -2.06
C VAL B 152 30.89 -2.62 -2.87
N VAL B 153 31.35 -3.83 -3.17
CA VAL B 153 30.56 -4.76 -3.89
C VAL B 153 29.40 -5.17 -3.04
N GLY B 154 29.63 -5.28 -1.74
CA GLY B 154 28.57 -5.54 -0.79
C GLY B 154 27.46 -4.55 -0.97
N MET B 155 27.79 -3.27 -1.09
CA MET B 155 26.77 -2.26 -1.20
C MET B 155 25.90 -2.55 -2.38
N GLU B 156 26.54 -2.97 -3.46
CA GLU B 156 25.83 -3.18 -4.70
C GLU B 156 24.95 -4.39 -4.69
N ILE B 157 25.45 -5.51 -4.21
CA ILE B 157 24.59 -6.64 -3.97
C ILE B 157 23.31 -6.20 -3.30
N LEU B 158 23.41 -5.44 -2.22
CA LEU B 158 22.25 -4.92 -1.51
C LEU B 158 21.39 -4.02 -2.35
N ARG B 159 21.99 -3.09 -3.04
CA ARG B 159 21.21 -2.21 -3.93
C ARG B 159 20.48 -2.99 -4.99
N GLU B 160 21.11 -4.00 -5.56
CA GLU B 160 20.46 -4.76 -6.61
C GLU B 160 19.07 -5.26 -6.16
N LYS B 161 18.96 -5.88 -4.98
CA LYS B 161 17.66 -6.25 -4.46
C LYS B 161 16.83 -5.04 -4.20
N ALA B 162 17.45 -4.06 -3.54
CA ALA B 162 16.67 -2.92 -3.08
C ALA B 162 15.92 -2.37 -4.24
N GLU B 163 16.59 -2.26 -5.37
CA GLU B 163 15.97 -1.75 -6.56
C GLU B 163 14.89 -2.69 -7.15
N GLU B 164 15.15 -3.99 -7.17
CA GLU B 164 14.18 -4.96 -7.60
C GLU B 164 12.94 -4.82 -6.73
N ILE B 165 13.08 -4.88 -5.39
CA ILE B 165 11.88 -4.81 -4.57
C ILE B 165 11.20 -3.49 -4.81
N GLU B 166 11.97 -2.42 -4.98
CA GLU B 166 11.36 -1.09 -5.23
C GLU B 166 10.55 -1.02 -6.50
N GLU B 167 11.02 -1.71 -7.53
CA GLU B 167 10.40 -1.76 -8.82
C GLU B 167 9.09 -2.48 -8.74
N GLU B 168 9.07 -3.64 -8.10
CA GLU B 168 7.83 -4.36 -7.86
C GLU B 168 6.91 -3.51 -6.99
N ALA B 169 7.44 -2.81 -6.00
CA ALA B 169 6.58 -1.95 -5.22
C ALA B 169 5.76 -1.07 -6.13
N ARG B 170 6.49 -0.48 -7.06
CA ARG B 170 5.97 0.52 -7.94
C ARG B 170 4.94 -0.12 -8.92
N SER B 171 5.25 -1.29 -9.44
CA SER B 171 4.30 -2.05 -10.30
C SER B 171 2.99 -2.40 -9.62
N LYS B 172 3.09 -3.02 -8.46
CA LYS B 172 1.92 -3.32 -7.73
C LYS B 172 1.11 -2.09 -7.58
N ALA B 173 1.75 -0.95 -7.32
CA ALA B 173 0.99 0.30 -7.13
C ALA B 173 0.11 0.59 -8.28
N VAL B 174 0.69 0.52 -9.47
CA VAL B 174 -0.06 0.76 -10.69
C VAL B 174 -1.26 -0.12 -10.77
N VAL B 175 -1.01 -1.41 -10.62
CA VAL B 175 -2.05 -2.40 -10.68
C VAL B 175 -3.14 -2.09 -9.73
N GLN B 176 -2.79 -1.71 -8.49
CA GLN B 176 -3.81 -1.31 -7.53
C GLN B 176 -4.55 -0.05 -7.92
N MET B 177 -3.85 0.95 -8.45
CA MET B 177 -4.54 2.16 -8.87
C MET B 177 -5.64 1.78 -9.83
N ALA B 178 -5.29 1.00 -10.83
CA ALA B 178 -6.23 0.70 -11.88
C ALA B 178 -7.37 -0.07 -11.30
N ILE B 179 -7.09 -1.22 -10.73
CA ILE B 179 -8.14 -2.10 -10.21
C ILE B 179 -9.11 -1.41 -9.25
N SER B 180 -8.55 -0.57 -8.38
CA SER B 180 -9.39 0.15 -7.47
C SER B 180 -10.21 1.20 -8.20
N SER B 181 -9.66 1.80 -9.26
CA SER B 181 -10.42 2.82 -10.03
C SER B 181 -11.61 2.29 -10.84
N LEU B 182 -11.65 0.98 -11.08
CA LEU B 182 -12.54 0.44 -12.09
C LEU B 182 -13.88 0.14 -11.50
N SER B 183 -14.93 0.62 -12.16
CA SER B 183 -16.32 0.22 -11.86
C SER B 183 -16.47 -1.28 -12.11
N TYR B 184 -17.62 -1.80 -11.72
CA TYR B 184 -17.89 -3.21 -11.85
C TYR B 184 -17.97 -3.56 -13.32
N SER B 185 -18.88 -2.91 -14.02
CA SER B 185 -19.02 -3.15 -15.44
C SER B 185 -17.65 -3.03 -16.07
N GLU B 186 -16.93 -1.99 -15.68
CA GLU B 186 -15.62 -1.71 -16.28
C GLU B 186 -14.60 -2.86 -16.11
N LEU B 187 -14.61 -3.51 -14.95
CA LEU B 187 -13.75 -4.68 -14.71
C LEU B 187 -14.11 -5.86 -15.56
N GLU B 188 -15.40 -5.98 -15.87
CA GLU B 188 -15.92 -7.04 -16.76
C GLU B 188 -15.45 -6.75 -18.19
N ALA B 189 -15.49 -5.48 -18.57
CA ALA B 189 -15.02 -5.07 -19.90
C ALA B 189 -13.57 -5.43 -20.14
N ILE B 190 -12.75 -5.18 -19.13
CA ILE B 190 -11.36 -5.52 -19.20
C ILE B 190 -11.15 -6.90 -19.72
N GLU B 191 -11.82 -7.88 -19.12
CA GLU B 191 -11.62 -9.27 -19.57
C GLU B 191 -11.72 -9.39 -21.10
N HIS B 192 -12.77 -8.79 -21.68
CA HIS B 192 -12.97 -8.82 -23.16
C HIS B 192 -11.92 -8.03 -23.92
N ILE B 193 -11.68 -6.79 -23.49
CA ILE B 193 -10.71 -5.94 -24.15
C ILE B 193 -9.34 -6.59 -24.37
N PHE B 194 -8.92 -7.43 -23.44
CA PHE B 194 -7.67 -8.16 -23.61
C PHE B 194 -7.92 -9.47 -24.32
N GLU B 195 -8.97 -10.22 -23.91
CA GLU B 195 -9.42 -11.45 -24.65
C GLU B 195 -9.31 -11.27 -26.16
N GLU B 196 -9.68 -10.08 -26.64
CA GLU B 196 -9.39 -9.66 -28.02
C GLU B 196 -7.86 -9.44 -28.11
N LEU B 197 -7.41 -8.19 -28.29
CA LEU B 197 -5.99 -7.88 -28.26
C LEU B 197 -5.10 -8.99 -27.68
N ASP B 198 -4.43 -9.73 -28.58
N ASP B 198 -4.49 -9.80 -28.52
CA ASP B 198 -3.36 -10.69 -28.24
CA ASP B 198 -3.36 -10.57 -28.04
C ASP B 198 -2.02 -10.01 -28.44
C ASP B 198 -1.95 -10.26 -28.50
N GLY B 199 -1.08 -10.23 -27.51
CA GLY B 199 0.22 -9.59 -27.59
C GLY B 199 0.09 -8.45 -26.61
N ASN B 200 1.18 -7.72 -26.40
CA ASN B 200 1.16 -6.61 -25.48
C ASN B 200 0.67 -5.35 -26.13
N GLU B 201 0.35 -5.39 -27.42
CA GLU B 201 -0.33 -4.27 -28.05
C GLU B 201 -1.39 -4.69 -29.07
N GLY B 202 -2.09 -3.69 -29.59
CA GLY B 202 -3.14 -3.90 -30.57
C GLY B 202 -3.92 -2.64 -30.87
N LEU B 203 -4.80 -2.74 -31.84
CA LEU B 203 -5.74 -1.72 -32.09
C LEU B 203 -7.06 -2.36 -31.86
N LEU B 204 -7.91 -1.68 -31.12
CA LEU B 204 -9.22 -2.16 -30.76
C LEU B 204 -10.19 -1.19 -31.35
N VAL B 205 -11.37 -1.66 -31.72
CA VAL B 205 -12.44 -0.78 -32.16
C VAL B 205 -13.61 -0.91 -31.20
N ALA B 206 -13.64 -0.02 -30.22
CA ALA B 206 -14.53 -0.14 -29.10
C ALA B 206 -15.97 -0.45 -29.57
N SER B 207 -16.49 0.31 -30.53
CA SER B 207 -17.85 0.04 -30.96
C SER B 207 -18.07 -1.46 -31.39
N LYS B 208 -17.11 -2.06 -32.10
CA LYS B 208 -17.18 -3.50 -32.51
C LYS B 208 -17.12 -4.48 -31.35
N ILE B 209 -16.20 -4.29 -30.43
CA ILE B 209 -16.17 -5.16 -29.25
C ILE B 209 -17.52 -5.02 -28.49
N ALA B 210 -17.98 -3.77 -28.35
CA ALA B 210 -19.26 -3.47 -27.70
C ALA B 210 -20.40 -4.37 -28.20
N ASP B 211 -20.48 -4.54 -29.52
CA ASP B 211 -21.58 -5.24 -30.16
C ASP B 211 -21.41 -6.73 -30.02
N ARG B 212 -20.25 -7.23 -30.42
CA ARG B 212 -19.99 -8.66 -30.35
C ARG B 212 -20.26 -9.19 -28.95
N VAL B 213 -19.66 -8.54 -27.97
CA VAL B 213 -19.68 -9.05 -26.62
C VAL B 213 -20.90 -8.58 -25.80
N GLY B 214 -21.50 -7.46 -26.19
CA GLY B 214 -22.77 -6.98 -25.60
C GLY B 214 -22.55 -6.11 -24.38
N ILE B 215 -22.01 -4.92 -24.63
CA ILE B 215 -21.47 -4.03 -23.60
C ILE B 215 -21.49 -2.64 -24.20
N THR B 216 -21.70 -1.62 -23.38
CA THR B 216 -21.70 -0.29 -23.95
C THR B 216 -20.33 0.03 -24.48
N ARG B 217 -20.27 0.56 -25.70
CA ARG B 217 -19.09 1.29 -26.15
C ARG B 217 -18.65 2.10 -24.90
N SER B 218 -19.61 2.81 -24.31
CA SER B 218 -19.33 3.70 -23.19
C SER B 218 -18.39 3.11 -22.12
N VAL B 219 -18.85 2.12 -21.37
CA VAL B 219 -17.97 1.37 -20.47
C VAL B 219 -16.65 1.07 -21.14
N ILE B 220 -16.60 0.20 -22.15
CA ILE B 220 -15.29 -0.12 -22.80
C ILE B 220 -14.38 1.10 -22.94
N VAL B 221 -14.88 2.17 -23.55
CA VAL B 221 -14.13 3.42 -23.62
C VAL B 221 -13.64 3.78 -22.23
N ASN B 222 -14.58 3.77 -21.30
CA ASN B 222 -14.33 4.22 -19.94
C ASN B 222 -13.28 3.39 -19.18
N ALA B 223 -13.32 2.07 -19.32
CA ALA B 223 -12.29 1.24 -18.73
C ALA B 223 -10.91 1.72 -19.24
N LEU B 224 -10.57 1.39 -20.49
CA LEU B 224 -9.37 1.94 -21.12
C LEU B 224 -9.00 3.30 -20.57
N ARG B 225 -9.95 4.20 -20.53
CA ARG B 225 -9.66 5.48 -20.00
C ARG B 225 -8.85 5.37 -18.67
N LYS B 226 -9.28 4.50 -17.77
CA LYS B 226 -8.68 4.41 -16.43
C LYS B 226 -7.38 3.62 -16.42
N LEU B 227 -7.38 2.40 -16.95
CA LEU B 227 -6.14 1.73 -17.32
C LEU B 227 -5.02 2.71 -17.82
N GLU B 228 -5.30 3.49 -18.86
CA GLU B 228 -4.31 4.44 -19.36
C GLU B 228 -3.88 5.32 -18.20
N SER B 229 -4.87 5.82 -17.47
CA SER B 229 -4.60 6.80 -16.44
C SER B 229 -3.73 6.22 -15.32
N ALA B 230 -4.00 4.98 -14.93
CA ALA B 230 -3.16 4.21 -14.01
C ALA B 230 -1.72 4.02 -14.50
N GLY B 231 -1.53 3.64 -15.75
CA GLY B 231 -0.23 3.21 -16.25
C GLY B 231 -0.27 1.81 -16.84
N VAL B 232 -1.36 1.05 -16.63
CA VAL B 232 -1.45 -0.31 -17.15
C VAL B 232 -1.20 -0.28 -18.64
N ILE B 233 -1.88 0.64 -19.33
CA ILE B 233 -1.66 0.89 -20.77
C ILE B 233 -1.17 2.29 -21.08
N GLU B 234 -0.61 2.45 -22.27
CA GLU B 234 -0.53 3.77 -22.94
C GLU B 234 -1.50 3.67 -24.12
N SER B 235 -2.31 4.70 -24.37
CA SER B 235 -3.32 4.61 -25.44
C SER B 235 -3.52 5.85 -26.26
N ARG B 236 -3.91 5.65 -27.51
CA ARG B 236 -3.92 6.68 -28.56
C ARG B 236 -5.07 6.43 -29.54
N SER B 237 -5.91 7.43 -29.78
CA SER B 237 -6.82 7.44 -30.92
C SER B 237 -6.06 7.19 -32.27
N LEU B 238 -6.61 6.37 -33.14
CA LEU B 238 -6.00 6.08 -34.45
C LEU B 238 -7.10 6.12 -35.51
N GLY B 239 -6.90 6.97 -36.49
CA GLY B 239 -7.91 7.21 -37.47
C GLY B 239 -9.19 7.54 -36.76
N MET B 240 -10.27 7.02 -37.30
CA MET B 240 -11.57 7.58 -37.06
C MET B 240 -12.35 6.77 -36.07
N LYS B 241 -11.93 5.53 -35.81
CA LYS B 241 -12.63 4.66 -34.86
C LYS B 241 -11.63 4.16 -33.85
N GLY B 242 -10.95 3.07 -34.13
CA GLY B 242 -10.21 2.38 -33.11
C GLY B 242 -9.16 3.17 -32.38
N THR B 243 -8.76 2.65 -31.23
CA THR B 243 -7.77 3.23 -30.38
C THR B 243 -6.62 2.23 -30.35
N TYR B 244 -5.40 2.68 -30.58
CA TYR B 244 -4.22 1.85 -30.40
C TYR B 244 -3.88 1.76 -28.91
N ILE B 245 -3.43 0.58 -28.49
CA ILE B 245 -3.22 0.20 -27.10
C ILE B 245 -1.90 -0.55 -26.99
N LYS B 246 -0.98 -0.07 -26.17
CA LYS B 246 0.18 -0.87 -25.70
C LYS B 246 0.10 -1.11 -24.17
N VAL B 247 0.17 -2.37 -23.77
CA VAL B 247 0.17 -2.77 -22.35
C VAL B 247 1.54 -2.45 -21.78
N LEU B 248 1.61 -1.47 -20.90
CA LEU B 248 2.87 -1.18 -20.21
C LEU B 248 3.18 -2.11 -19.03
N ASN B 249 2.14 -2.61 -18.35
CA ASN B 249 2.26 -3.42 -17.11
C ASN B 249 1.49 -4.75 -17.24
N ASN B 250 2.26 -5.83 -17.28
CA ASN B 250 1.66 -7.12 -17.54
C ASN B 250 1.01 -7.77 -16.33
N LYS B 251 1.45 -7.32 -15.17
CA LYS B 251 0.97 -7.88 -13.92
C LYS B 251 -0.51 -7.53 -13.62
N PHE B 252 -1.02 -6.45 -14.17
CA PHE B 252 -2.43 -6.15 -14.00
C PHE B 252 -3.35 -7.27 -14.53
N LEU B 253 -3.23 -7.64 -15.83
CA LEU B 253 -4.10 -8.72 -16.40
C LEU B 253 -4.12 -9.93 -15.47
N ILE B 254 -2.96 -10.37 -15.03
CA ILE B 254 -2.80 -11.49 -14.08
C ILE B 254 -3.60 -11.30 -12.76
N GLU B 255 -3.68 -10.07 -12.26
CA GLU B 255 -4.48 -9.77 -11.06
C GLU B 255 -5.94 -10.11 -11.29
N LEU B 256 -6.51 -9.66 -12.41
CA LEU B 256 -7.88 -10.07 -12.75
C LEU B 256 -8.00 -11.57 -12.88
N GLU B 257 -6.98 -12.20 -13.47
CA GLU B 257 -6.87 -13.65 -13.52
C GLU B 257 -6.98 -14.34 -12.17
N ASN B 258 -6.35 -13.78 -11.14
CA ASN B 258 -6.41 -14.40 -9.80
C ASN B 258 -7.85 -14.42 -9.25
N LEU B 259 -8.53 -13.28 -9.34
CA LEU B 259 -9.81 -13.11 -8.68
C LEU B 259 -11.03 -13.52 -9.54
N LYS B 260 -11.01 -14.76 -10.06
CA LYS B 260 -12.08 -15.23 -10.96
C LYS B 260 -13.32 -15.64 -10.18
N SER B 261 -14.51 -15.37 -10.74
CA SER B 261 -15.82 -15.60 -10.09
C SER B 261 -16.98 -15.08 -10.95
N ALA C 5 -49.53 4.08 -9.02
CA ALA C 5 -49.94 3.34 -7.79
C ALA C 5 -48.89 3.56 -6.69
N SER C 6 -48.82 2.63 -5.73
CA SER C 6 -47.70 2.56 -4.79
C SER C 6 -46.42 2.13 -5.51
N LEU C 7 -46.56 1.40 -6.61
CA LEU C 7 -45.45 1.08 -7.51
C LEU C 7 -44.76 2.34 -8.02
N GLN C 8 -45.52 3.24 -8.63
CA GLN C 8 -44.94 4.47 -9.14
C GLN C 8 -43.97 5.16 -8.17
N LYS C 9 -44.31 5.20 -6.90
CA LYS C 9 -43.47 5.87 -5.91
C LYS C 9 -42.24 5.09 -5.52
N THR C 10 -42.40 3.80 -5.25
CA THR C 10 -41.22 2.97 -4.95
C THR C 10 -40.16 3.20 -6.03
N ARG C 11 -40.63 3.21 -7.29
CA ARG C 11 -39.75 3.43 -8.42
C ARG C 11 -39.07 4.76 -8.34
N ILE C 12 -39.83 5.77 -7.94
CA ILE C 12 -39.28 7.09 -7.77
C ILE C 12 -38.13 7.06 -6.80
N ILE C 13 -38.20 6.23 -5.76
CA ILE C 13 -37.05 6.07 -4.90
C ILE C 13 -35.86 5.40 -5.64
N ASN C 14 -36.05 4.20 -6.19
CA ASN C 14 -35.01 3.55 -6.98
C ASN C 14 -34.37 4.53 -7.96
N SER C 15 -35.21 5.21 -8.74
CA SER C 15 -34.74 6.14 -9.75
C SER C 15 -33.78 7.14 -9.10
N MET C 16 -34.09 7.55 -7.88
CA MET C 16 -33.29 8.55 -7.15
C MET C 16 -31.98 7.96 -6.65
N LEU C 17 -32.05 6.80 -6.04
CA LEU C 17 -30.84 6.06 -5.67
C LEU C 17 -29.86 5.92 -6.86
N GLN C 18 -30.36 5.55 -8.02
CA GLN C 18 -29.48 5.24 -9.15
C GLN C 18 -28.91 6.52 -9.75
N ALA C 19 -29.73 7.57 -9.80
CA ALA C 19 -29.26 8.93 -10.11
C ALA C 19 -28.04 9.35 -9.24
N ALA C 20 -28.17 9.18 -7.92
CA ALA C 20 -27.15 9.63 -6.95
C ALA C 20 -25.83 8.85 -6.98
N ALA C 21 -25.85 7.60 -7.44
CA ALA C 21 -24.60 6.85 -7.63
C ALA C 21 -23.72 7.61 -8.62
N GLY C 22 -22.43 7.69 -8.33
CA GLY C 22 -21.50 8.39 -9.22
C GLY C 22 -21.21 9.82 -8.81
N LYS C 23 -22.16 10.49 -8.14
CA LYS C 23 -21.88 11.74 -7.45
C LYS C 23 -21.71 11.34 -5.99
N PRO C 24 -20.97 12.16 -5.20
CA PRO C 24 -20.92 11.94 -3.75
C PRO C 24 -22.29 12.02 -3.09
N VAL C 25 -22.47 11.26 -2.01
CA VAL C 25 -23.78 11.13 -1.35
C VAL C 25 -24.33 12.48 -1.00
N ASN C 26 -25.62 12.64 -1.25
CA ASN C 26 -26.32 13.88 -1.05
C ASN C 26 -27.55 13.57 -0.21
N PHE C 27 -27.52 13.91 1.07
CA PHE C 27 -28.66 13.61 1.93
C PHE C 27 -29.81 14.60 1.73
N LYS C 28 -29.52 15.91 1.68
CA LYS C 28 -30.63 16.84 1.49
C LYS C 28 -31.47 16.38 0.32
N GLU C 29 -30.84 16.24 -0.83
CA GLU C 29 -31.56 15.87 -2.04
C GLU C 29 -32.38 14.59 -1.81
N MET C 30 -31.84 13.66 -1.03
CA MET C 30 -32.53 12.40 -0.73
CA MET C 30 -32.52 12.40 -0.74
C MET C 30 -33.76 12.63 0.15
N ALA C 31 -33.65 13.49 1.15
CA ALA C 31 -34.79 13.76 2.03
C ALA C 31 -35.97 14.46 1.29
N GLU C 32 -35.69 15.42 0.38
CA GLU C 32 -36.73 16.01 -0.43
C GLU C 32 -37.46 14.92 -1.21
N THR C 33 -36.70 14.00 -1.81
CA THR C 33 -37.29 13.01 -2.71
C THR C 33 -38.27 12.14 -1.95
N LEU C 34 -37.90 11.79 -0.71
CA LEU C 34 -38.84 11.16 0.23
C LEU C 34 -40.01 12.10 0.56
N ARG C 35 -39.72 13.28 1.15
CA ARG C 35 -40.75 14.29 1.50
C ARG C 35 -41.77 14.41 0.40
N ASP C 36 -41.31 14.56 -0.83
CA ASP C 36 -42.23 14.57 -1.96
C ASP C 36 -43.08 13.30 -2.16
N VAL C 37 -42.49 12.11 -2.09
CA VAL C 37 -43.30 10.87 -2.32
C VAL C 37 -44.12 10.39 -1.13
N ILE C 38 -43.55 10.50 0.07
CA ILE C 38 -44.25 10.09 1.30
C ILE C 38 -45.19 11.20 1.75
N ASP C 39 -44.98 12.42 1.26
CA ASP C 39 -45.70 13.58 1.76
C ASP C 39 -45.55 13.73 3.27
N SER C 40 -44.37 14.12 3.72
CA SER C 40 -44.13 14.27 5.14
C SER C 40 -42.83 14.97 5.41
N ASN C 41 -42.70 15.42 6.63
CA ASN C 41 -41.42 15.96 7.07
C ASN C 41 -40.41 14.80 7.24
N ILE C 42 -39.25 14.90 6.59
CA ILE C 42 -38.23 13.91 6.74
C ILE C 42 -37.08 14.48 7.54
N PHE C 43 -36.61 13.67 8.49
CA PHE C 43 -35.36 13.96 9.18
C PHE C 43 -34.44 12.73 9.20
N VAL C 44 -33.17 12.94 8.86
CA VAL C 44 -32.21 11.86 8.86
C VAL C 44 -31.21 12.16 9.95
N VAL C 45 -31.36 11.42 11.03
CA VAL C 45 -30.60 11.64 12.23
C VAL C 45 -29.54 10.58 12.42
N SER C 46 -28.31 11.03 12.63
CA SER C 46 -27.22 10.11 12.82
C SER C 46 -27.40 9.36 14.13
N ARG C 47 -26.43 8.54 14.48
CA ARG C 47 -26.42 7.86 15.77
C ARG C 47 -26.32 8.81 16.97
N ARG C 48 -25.67 9.97 16.83
CA ARG C 48 -25.59 11.00 17.91
C ARG C 48 -26.28 12.33 17.62
N GLY C 49 -27.31 12.33 16.76
CA GLY C 49 -28.17 13.51 16.60
C GLY C 49 -27.84 14.44 15.46
N LYS C 50 -26.75 14.21 14.76
CA LYS C 50 -26.41 15.03 13.61
C LYS C 50 -27.54 14.86 12.60
N LEU C 51 -27.99 15.99 12.07
CA LEU C 51 -28.92 15.98 10.99
C LEU C 51 -28.18 15.77 9.72
N LEU C 52 -28.03 14.49 9.35
CA LEU C 52 -27.40 14.15 8.09
C LEU C 52 -28.14 14.83 6.96
N GLY C 53 -29.45 14.97 7.07
CA GLY C 53 -30.24 15.74 6.10
C GLY C 53 -31.69 15.84 6.51
N TYR C 54 -32.40 16.81 5.95
CA TYR C 54 -33.81 17.03 6.27
C TYR C 54 -34.54 17.77 5.18
N SER C 55 -35.86 17.62 5.17
CA SER C 55 -36.69 18.38 4.24
C SER C 55 -38.09 18.53 4.81
N ILE C 56 -38.59 19.77 4.81
CA ILE C 56 -39.78 20.15 5.53
C ILE C 56 -40.95 20.44 4.61
N ASN C 57 -42.07 19.81 4.97
CA ASN C 57 -43.30 19.79 4.22
C ASN C 57 -44.32 20.78 4.77
N GLN C 58 -44.33 20.95 6.10
CA GLN C 58 -45.33 21.82 6.77
C GLN C 58 -44.78 22.53 8.03
N GLN C 59 -44.82 23.86 8.00
CA GLN C 59 -43.95 24.68 8.86
C GLN C 59 -44.22 24.59 10.35
N ILE C 60 -43.13 24.71 11.07
CA ILE C 60 -43.10 24.72 12.52
C ILE C 60 -42.54 26.07 12.96
N GLU C 61 -43.41 26.96 13.43
CA GLU C 61 -42.96 28.21 14.01
C GLU C 61 -42.45 27.88 15.40
N ASN C 62 -41.14 27.63 15.48
CA ASN C 62 -40.50 27.35 16.77
C ASN C 62 -39.03 27.72 16.68
N ASP C 63 -38.60 28.63 17.56
CA ASP C 63 -37.25 29.19 17.53
C ASP C 63 -36.18 28.16 17.85
N ARG C 64 -36.45 27.24 18.79
CA ARG C 64 -35.52 26.15 19.11
C ARG C 64 -35.46 25.08 18.01
N MET C 65 -36.62 24.78 17.41
CA MET C 65 -36.67 23.92 16.24
C MET C 65 -35.81 24.52 15.14
N LYS C 66 -36.15 25.75 14.76
CA LYS C 66 -35.41 26.52 13.76
C LYS C 66 -33.89 26.40 13.98
N LYS C 67 -33.44 26.41 15.24
CA LYS C 67 -32.02 26.31 15.61
C LYS C 67 -31.46 24.92 15.38
N MET C 68 -32.24 23.87 15.65
CA MET C 68 -31.77 22.52 15.39
C MET C 68 -31.46 22.35 13.91
N LEU C 69 -32.34 22.87 13.05
CA LEU C 69 -32.12 22.90 11.59
C LEU C 69 -30.87 23.68 11.20
N GLU C 70 -30.72 24.88 11.76
CA GLU C 70 -29.49 25.69 11.60
C GLU C 70 -28.26 24.93 12.13
N ASP C 71 -28.35 24.50 13.40
CA ASP C 71 -27.27 23.77 14.10
C ASP C 71 -26.94 22.44 13.45
N ARG C 72 -27.89 21.87 12.69
CA ARG C 72 -27.72 20.57 12.03
C ARG C 72 -27.57 19.51 13.14
N GLN C 73 -28.34 19.65 14.21
CA GLN C 73 -28.14 18.83 15.42
C GLN C 73 -29.41 18.76 16.27
N PHE C 74 -29.64 17.58 16.85
CA PHE C 74 -30.74 17.30 17.77
C PHE C 74 -30.19 17.11 19.18
N PRO C 75 -31.02 17.29 20.23
CA PRO C 75 -30.50 17.16 21.60
C PRO C 75 -29.88 15.79 21.87
N GLU C 76 -28.79 15.72 22.65
CA GLU C 76 -28.12 14.45 22.93
C GLU C 76 -29.12 13.40 23.47
N GLU C 77 -29.89 13.77 24.49
CA GLU C 77 -30.79 12.82 25.17
C GLU C 77 -31.79 12.16 24.20
N TYR C 78 -32.58 13.01 23.54
CA TYR C 78 -33.59 12.60 22.57
C TYR C 78 -32.99 11.57 21.62
N THR C 79 -31.85 11.93 21.04
CA THR C 79 -31.15 11.10 20.09
C THR C 79 -30.71 9.74 20.63
N LYS C 80 -30.06 9.72 21.78
CA LYS C 80 -29.66 8.45 22.40
C LYS C 80 -30.87 7.57 22.67
N ASN C 81 -32.00 8.18 23.06
CA ASN C 81 -33.23 7.43 23.31
CA ASN C 81 -33.27 7.47 23.31
C ASN C 81 -33.84 6.78 22.06
N LEU C 82 -33.48 7.26 20.86
CA LEU C 82 -33.98 6.69 19.60
C LEU C 82 -33.55 5.24 19.39
N PHE C 83 -32.27 4.93 19.62
CA PHE C 83 -31.77 3.54 19.62
C PHE C 83 -32.53 2.53 20.47
N ASN C 84 -33.37 2.97 21.39
CA ASN C 84 -34.28 2.05 22.09
C ASN C 84 -35.52 1.63 21.25
N VAL C 85 -35.64 2.14 20.04
CA VAL C 85 -36.66 1.67 19.11
C VAL C 85 -35.98 0.63 18.20
N PRO C 86 -36.27 -0.67 18.37
CA PRO C 86 -35.59 -1.67 17.52
C PRO C 86 -36.22 -1.84 16.13
N GLU C 87 -37.54 -1.78 16.03
CA GLU C 87 -38.20 -1.82 14.73
C GLU C 87 -38.96 -0.54 14.56
N THR C 88 -39.43 -0.32 13.34
CA THR C 88 -40.18 0.87 12.98
C THR C 88 -41.35 0.98 13.93
N SER C 89 -41.54 2.19 14.48
CA SER C 89 -42.74 2.57 15.23
C SER C 89 -43.47 3.72 14.51
N SER C 90 -44.80 3.62 14.39
CA SER C 90 -45.60 4.54 13.57
C SER C 90 -46.65 5.27 14.39
N ASN C 91 -47.04 6.45 13.88
CA ASN C 91 -48.15 7.22 14.42
C ASN C 91 -48.11 7.42 15.93
N LEU C 92 -47.07 8.09 16.39
CA LEU C 92 -46.92 8.44 17.80
C LEU C 92 -47.47 9.84 18.01
N ASP C 93 -48.27 9.99 19.07
CA ASP C 93 -48.99 11.25 19.36
C ASP C 93 -48.04 12.34 19.82
N ILE C 94 -48.59 13.55 20.00
CA ILE C 94 -47.81 14.66 20.57
C ILE C 94 -47.24 14.35 21.97
N ASN C 95 -47.85 13.40 22.68
CA ASN C 95 -47.49 13.07 24.06
C ASN C 95 -46.39 12.05 24.23
N SER C 96 -45.92 11.46 23.14
CA SER C 96 -44.83 10.49 23.21
C SER C 96 -43.56 11.21 23.61
N GLU C 97 -42.75 10.50 24.39
CA GLU C 97 -41.34 10.81 24.56
C GLU C 97 -40.62 11.00 23.20
N TYR C 98 -41.04 10.25 22.17
CA TYR C 98 -40.40 10.26 20.86
C TYR C 98 -40.91 11.33 19.86
N THR C 99 -41.89 12.17 20.23
CA THR C 99 -42.48 13.10 19.24
C THR C 99 -41.43 14.02 18.63
N ALA C 100 -41.55 14.26 17.33
CA ALA C 100 -40.64 15.18 16.62
C ALA C 100 -40.95 16.62 16.97
N PHE C 101 -42.17 16.89 17.44
CA PHE C 101 -42.60 18.25 17.69
C PHE C 101 -42.11 18.75 19.05
N PRO C 102 -42.00 20.09 19.23
CA PRO C 102 -41.72 20.71 20.52
C PRO C 102 -42.72 20.33 21.65
N VAL C 103 -42.24 20.10 22.86
CA VAL C 103 -43.09 19.87 24.04
C VAL C 103 -43.72 21.15 24.61
N GLU C 104 -42.99 22.28 24.56
CA GLU C 104 -43.55 23.58 24.96
C GLU C 104 -44.95 23.86 24.34
N ASN C 105 -45.12 23.44 23.09
CA ASN C 105 -46.38 23.59 22.40
C ASN C 105 -47.03 22.22 22.16
N ARG C 106 -47.41 21.53 23.24
CA ARG C 106 -48.08 20.21 23.10
C ARG C 106 -49.52 20.30 22.52
N ASP C 107 -49.86 21.43 21.91
CA ASP C 107 -51.25 21.86 21.76
C ASP C 107 -51.47 22.51 20.41
N LEU C 108 -50.61 23.47 20.08
CA LEU C 108 -50.43 23.93 18.70
C LEU C 108 -50.40 22.74 17.72
N PHE C 109 -49.67 21.69 18.10
CA PHE C 109 -49.64 20.43 17.35
C PHE C 109 -50.17 19.29 18.25
N GLN C 110 -51.48 19.22 18.41
CA GLN C 110 -52.14 18.08 19.07
C GLN C 110 -52.19 16.92 18.08
N ALA C 111 -52.44 17.27 16.83
CA ALA C 111 -52.54 16.31 15.75
C ALA C 111 -51.16 15.78 15.30
N GLY C 112 -50.15 15.89 16.17
CA GLY C 112 -48.76 15.80 15.73
C GLY C 112 -48.25 14.38 15.66
N LEU C 113 -48.59 13.70 14.57
CA LEU C 113 -48.14 12.33 14.39
C LEU C 113 -46.69 12.25 13.91
N THR C 114 -45.89 11.49 14.65
CA THR C 114 -44.51 11.25 14.31
C THR C 114 -44.27 9.74 14.14
N THR C 115 -43.52 9.35 13.11
CA THR C 115 -43.17 7.96 12.85
C THR C 115 -41.67 7.82 12.91
N ILE C 116 -41.21 6.73 13.49
CA ILE C 116 -39.80 6.48 13.71
C ILE C 116 -39.42 5.24 12.93
N VAL C 117 -38.42 5.38 12.07
CA VAL C 117 -37.93 4.27 11.27
C VAL C 117 -36.44 4.09 11.47
N PRO C 118 -36.03 2.89 11.96
CA PRO C 118 -34.61 2.62 12.04
C PRO C 118 -34.02 2.52 10.66
N ILE C 119 -32.74 2.85 10.57
CA ILE C 119 -31.97 2.88 9.36
C ILE C 119 -30.92 1.85 9.61
N ILE C 120 -31.03 0.69 8.96
CA ILE C 120 -30.03 -0.35 9.23
C ILE C 120 -29.11 -0.54 8.06
N GLY C 121 -27.83 -0.66 8.38
CA GLY C 121 -26.73 -0.81 7.44
C GLY C 121 -26.40 -2.25 7.28
N GLY C 122 -25.13 -2.54 7.17
CA GLY C 122 -24.70 -3.92 6.90
C GLY C 122 -24.82 -4.67 8.21
N GLY C 123 -26.03 -5.12 8.51
CA GLY C 123 -26.43 -5.57 9.83
C GLY C 123 -26.04 -4.67 11.01
N GLU C 124 -26.21 -3.36 10.85
CA GLU C 124 -25.89 -2.42 11.92
C GLU C 124 -26.81 -1.24 11.89
N ARG C 125 -27.32 -0.84 13.04
CA ARG C 125 -28.11 0.37 13.17
C ARG C 125 -27.21 1.60 12.95
N LEU C 126 -27.36 2.25 11.81
CA LEU C 126 -26.54 3.42 11.47
C LEU C 126 -27.18 4.76 11.82
N GLY C 127 -28.48 4.78 12.12
CA GLY C 127 -29.17 6.05 12.39
C GLY C 127 -30.67 5.86 12.49
N THR C 128 -31.42 6.93 12.24
CA THR C 128 -32.87 6.87 12.44
C THR C 128 -33.54 7.79 11.42
N LEU C 129 -34.64 7.33 10.82
CA LEU C 129 -35.41 8.14 9.86
C LEU C 129 -36.68 8.57 10.53
N ILE C 130 -36.77 9.88 10.80
CA ILE C 130 -37.89 10.45 11.49
C ILE C 130 -38.76 11.10 10.48
N LEU C 131 -40.04 10.73 10.52
CA LEU C 131 -41.06 11.39 9.72
C LEU C 131 -42.09 12.00 10.67
N SER C 132 -42.64 13.15 10.26
CA SER C 132 -43.68 13.81 11.05
C SER C 132 -44.68 14.57 10.17
N ARG C 133 -45.97 14.58 10.60
CA ARG C 133 -46.97 15.53 10.04
C ARG C 133 -48.10 15.90 11.01
N LEU C 134 -48.85 16.93 10.62
CA LEU C 134 -50.03 17.40 11.36
C LEU C 134 -51.32 16.68 10.93
N GLN C 135 -51.96 15.98 11.86
CA GLN C 135 -53.19 15.19 11.61
C GLN C 135 -52.89 13.93 10.82
N ASP C 136 -52.69 14.04 9.51
CA ASP C 136 -52.79 12.87 8.62
C ASP C 136 -52.04 11.62 9.10
N GLN C 137 -52.73 10.48 9.06
CA GLN C 137 -52.19 9.22 9.54
C GLN C 137 -51.17 8.63 8.55
N PHE C 138 -50.23 7.87 9.10
CA PHE C 138 -49.33 7.04 8.33
C PHE C 138 -50.00 5.67 8.10
N ASN C 139 -50.46 5.46 6.86
CA ASN C 139 -50.90 4.14 6.43
C ASN C 139 -49.68 3.21 6.14
N ASP C 140 -49.95 1.93 5.95
CA ASP C 140 -48.89 0.98 5.64
C ASP C 140 -48.27 1.26 4.25
N ASP C 141 -49.05 1.78 3.31
CA ASP C 141 -48.53 2.20 2.00
C ASP C 141 -47.44 3.27 2.16
N ASP C 142 -47.56 4.10 3.20
CA ASP C 142 -46.52 5.08 3.61
C ASP C 142 -45.38 4.40 4.31
N LEU C 143 -45.69 3.47 5.20
CA LEU C 143 -44.63 2.72 5.89
C LEU C 143 -43.69 1.95 4.94
N ILE C 144 -44.20 1.42 3.83
CA ILE C 144 -43.33 0.73 2.89
C ILE C 144 -42.32 1.71 2.34
N LEU C 145 -42.82 2.88 1.94
CA LEU C 145 -41.99 3.92 1.34
C LEU C 145 -40.97 4.42 2.34
N ALA C 146 -41.36 4.55 3.60
CA ALA C 146 -40.41 4.93 4.63
C ALA C 146 -39.28 3.90 4.78
N GLU C 147 -39.62 2.62 4.89
CA GLU C 147 -38.61 1.62 5.14
C GLU C 147 -37.74 1.43 3.93
N TYR C 148 -38.31 1.29 2.75
CA TYR C 148 -37.53 1.30 1.55
C TYR C 148 -36.53 2.45 1.59
N GLY C 149 -37.06 3.62 1.87
CA GLY C 149 -36.21 4.81 1.98
C GLY C 149 -35.14 4.83 3.07
N ALA C 150 -35.47 4.29 4.24
CA ALA C 150 -34.48 4.12 5.31
C ALA C 150 -33.39 3.17 4.86
N THR C 151 -33.79 2.02 4.32
CA THR C 151 -32.83 1.07 3.76
C THR C 151 -31.88 1.76 2.79
N VAL C 152 -32.49 2.54 1.89
CA VAL C 152 -31.74 3.26 0.86
C VAL C 152 -30.81 4.33 1.45
N VAL C 153 -31.27 5.08 2.45
CA VAL C 153 -30.43 6.06 3.11
C VAL C 153 -29.32 5.35 3.87
N GLY C 154 -29.62 4.19 4.41
CA GLY C 154 -28.57 3.34 4.94
C GLY C 154 -27.44 3.06 3.95
N MET C 155 -27.80 2.70 2.73
CA MET C 155 -26.80 2.39 1.71
C MET C 155 -25.90 3.61 1.62
N GLU C 156 -26.50 4.78 1.43
CA GLU C 156 -25.72 5.98 1.15
C GLU C 156 -24.82 6.41 2.30
N ILE C 157 -25.29 6.31 3.54
CA ILE C 157 -24.41 6.52 4.71
C ILE C 157 -23.08 5.75 4.56
N LEU C 158 -23.22 4.42 4.36
CA LEU C 158 -22.11 3.51 4.23
C LEU C 158 -21.22 3.87 3.04
N ARG C 159 -21.84 4.08 1.86
CA ARG C 159 -21.09 4.54 0.69
C ARG C 159 -20.26 5.82 0.95
N GLU C 160 -20.91 6.84 1.47
CA GLU C 160 -20.18 8.04 1.78
C GLU C 160 -18.86 7.74 2.49
N LYS C 161 -18.82 6.84 3.48
CA LYS C 161 -17.55 6.58 4.22
C LYS C 161 -16.54 5.80 3.38
N ALA C 162 -17.04 4.77 2.72
CA ALA C 162 -16.22 3.98 1.85
C ALA C 162 -15.54 4.92 0.89
N GLU C 163 -16.30 5.85 0.30
CA GLU C 163 -15.73 6.76 -0.69
C GLU C 163 -14.70 7.71 -0.04
N GLU C 164 -14.96 8.11 1.20
CA GLU C 164 -14.03 8.91 1.98
C GLU C 164 -12.70 8.19 2.20
N ILE C 165 -12.75 6.92 2.63
CA ILE C 165 -11.51 6.15 2.87
C ILE C 165 -10.82 5.85 1.56
N GLU C 166 -11.60 5.60 0.49
CA GLU C 166 -11.05 5.31 -0.85
C GLU C 166 -10.31 6.50 -1.36
N GLU C 167 -10.90 7.69 -1.17
CA GLU C 167 -10.26 8.89 -1.66
C GLU C 167 -8.97 9.12 -0.92
N GLU C 168 -8.97 8.90 0.40
CA GLU C 168 -7.75 9.11 1.19
C GLU C 168 -6.69 8.18 0.65
N ALA C 169 -7.04 6.90 0.55
CA ALA C 169 -6.14 5.87 0.01
C ALA C 169 -5.46 6.33 -1.25
N ARG C 170 -6.27 6.84 -2.17
CA ARG C 170 -5.73 7.31 -3.43
C ARG C 170 -4.67 8.43 -3.21
N SER C 171 -4.93 9.38 -2.32
CA SER C 171 -4.00 10.47 -2.02
C SER C 171 -2.71 9.98 -1.33
N LYS C 172 -2.88 9.05 -0.38
CA LYS C 172 -1.74 8.36 0.26
C LYS C 172 -0.84 7.79 -0.81
N ALA C 173 -1.48 7.18 -1.79
CA ALA C 173 -0.82 6.48 -2.87
C ALA C 173 0.00 7.37 -3.71
N VAL C 174 -0.56 8.54 -4.02
CA VAL C 174 0.18 9.57 -4.78
C VAL C 174 1.42 10.08 -4.02
N VAL C 175 1.21 10.42 -2.76
CA VAL C 175 2.27 10.82 -1.89
C VAL C 175 3.40 9.80 -1.83
N GLN C 176 3.05 8.52 -1.72
CA GLN C 176 4.06 7.47 -1.73
C GLN C 176 4.74 7.36 -3.08
N MET C 177 3.96 7.36 -4.15
CA MET C 177 4.56 7.32 -5.48
C MET C 177 5.68 8.33 -5.61
N ALA C 178 5.51 9.49 -4.97
CA ALA C 178 6.35 10.65 -5.23
C ALA C 178 7.57 10.52 -4.38
N ILE C 179 7.40 10.40 -3.08
CA ILE C 179 8.52 10.20 -2.17
C ILE C 179 9.50 9.13 -2.65
N SER C 180 8.97 7.98 -3.03
CA SER C 180 9.81 6.83 -3.36
C SER C 180 10.59 7.11 -4.60
N SER C 181 10.00 7.89 -5.54
CA SER C 181 10.68 8.22 -6.80
C SER C 181 11.85 9.20 -6.70
N LEU C 182 11.97 9.88 -5.56
CA LEU C 182 12.88 11.02 -5.39
C LEU C 182 14.10 10.63 -4.59
N SER C 183 15.27 10.98 -5.14
CA SER C 183 16.56 10.77 -4.48
C SER C 183 16.73 11.67 -3.28
N TYR C 184 17.75 11.38 -2.47
CA TYR C 184 18.14 12.25 -1.34
C TYR C 184 18.28 13.70 -1.77
N SER C 185 18.99 13.95 -2.89
CA SER C 185 19.22 15.31 -3.42
C SER C 185 18.10 15.85 -4.32
N GLU C 186 17.26 14.96 -4.83
CA GLU C 186 16.05 15.38 -5.53
C GLU C 186 15.06 15.84 -4.51
N LEU C 187 14.84 14.99 -3.53
CA LEU C 187 13.97 15.29 -2.42
C LEU C 187 14.50 16.51 -1.70
N GLU C 188 15.80 16.55 -1.43
CA GLU C 188 16.39 17.73 -0.76
C GLU C 188 15.89 18.96 -1.51
N ALA C 189 16.17 19.01 -2.82
CA ALA C 189 15.76 20.16 -3.67
C ALA C 189 14.33 20.63 -3.37
N ILE C 190 13.40 19.67 -3.30
CA ILE C 190 11.97 19.94 -3.09
C ILE C 190 11.72 21.01 -2.01
N GLU C 191 12.38 20.88 -0.87
CA GLU C 191 12.24 21.86 0.24
C GLU C 191 12.45 23.28 -0.25
N HIS C 192 13.51 23.46 -1.04
CA HIS C 192 13.88 24.76 -1.59
C HIS C 192 13.02 25.18 -2.78
N ILE C 193 12.47 24.23 -3.52
CA ILE C 193 11.50 24.52 -4.59
C ILE C 193 10.24 25.11 -3.97
N PHE C 194 9.78 24.46 -2.89
CA PHE C 194 8.53 24.83 -2.21
C PHE C 194 8.73 26.03 -1.29
N GLU C 195 9.98 26.34 -0.91
CA GLU C 195 10.30 27.65 -0.31
C GLU C 195 9.85 28.78 -1.26
N GLU C 196 10.54 28.93 -2.40
CA GLU C 196 10.38 30.10 -3.31
C GLU C 196 8.96 30.36 -3.79
N LEU C 197 8.17 29.31 -3.89
CA LEU C 197 6.75 29.46 -4.16
C LEU C 197 5.95 29.67 -2.85
N ASP C 198 5.11 30.71 -2.83
CA ASP C 198 4.11 30.91 -1.76
C ASP C 198 2.81 30.24 -2.17
N GLY C 199 2.54 29.04 -1.64
CA GLY C 199 1.27 28.36 -1.83
C GLY C 199 1.17 27.47 -3.05
N ASN C 200 -0.06 27.13 -3.40
CA ASN C 200 -0.34 26.01 -4.31
C ASN C 200 -0.30 26.34 -5.81
N GLU C 201 0.11 27.54 -6.17
CA GLU C 201 0.45 27.81 -7.58
C GLU C 201 1.33 29.03 -7.72
N GLY C 202 2.03 29.08 -8.85
CA GLY C 202 3.05 30.08 -9.14
C GLY C 202 4.13 29.52 -10.05
N LEU C 203 4.97 30.41 -10.58
CA LEU C 203 5.95 30.09 -11.61
C LEU C 203 7.34 29.91 -11.02
N LEU C 204 8.13 29.00 -11.61
CA LEU C 204 9.53 28.80 -11.19
C LEU C 204 10.45 28.67 -12.38
N VAL C 205 11.57 29.41 -12.36
CA VAL C 205 12.61 29.30 -13.39
C VAL C 205 13.72 28.36 -12.91
N ALA C 206 13.63 27.10 -13.34
CA ALA C 206 14.59 26.04 -12.99
C ALA C 206 16.01 26.57 -12.76
N SER C 207 16.63 27.01 -13.86
CA SER C 207 17.98 27.55 -13.87
C SER C 207 18.28 28.60 -12.76
N LYS C 208 17.29 29.43 -12.41
CA LYS C 208 17.42 30.46 -11.35
C LYS C 208 17.26 29.91 -9.91
N ILE C 209 16.60 28.75 -9.75
CA ILE C 209 16.51 28.11 -8.44
C ILE C 209 17.83 27.40 -8.13
N ALA C 210 18.42 26.79 -9.16
CA ALA C 210 19.77 26.19 -9.07
C ALA C 210 20.82 27.23 -8.66
N ASP C 211 20.81 28.36 -9.35
CA ASP C 211 21.72 29.46 -9.06
C ASP C 211 21.45 30.18 -7.71
N ARG C 212 20.31 29.91 -7.05
CA ARG C 212 20.10 30.41 -5.68
C ARG C 212 20.65 29.44 -4.65
N VAL C 213 20.16 28.21 -4.65
CA VAL C 213 20.43 27.27 -3.56
C VAL C 213 21.46 26.18 -3.97
N GLY C 214 22.64 26.64 -4.41
CA GLY C 214 23.80 25.78 -4.76
C GLY C 214 23.51 24.35 -5.15
N ILE C 215 22.93 24.17 -6.33
CA ILE C 215 22.39 22.87 -6.81
C ILE C 215 22.44 22.85 -8.35
N THR C 216 22.56 21.66 -8.92
CA THR C 216 22.42 21.46 -10.38
C THR C 216 21.01 21.83 -10.88
N ARG C 217 20.87 22.19 -12.16
CA ARG C 217 19.53 22.38 -12.76
C ARG C 217 18.81 21.06 -12.99
N SER C 218 19.59 20.05 -13.35
CA SER C 218 19.04 18.77 -13.73
C SER C 218 18.23 18.11 -12.61
N VAL C 219 18.72 18.24 -11.37
CA VAL C 219 18.06 17.58 -10.22
C VAL C 219 16.72 18.19 -9.88
N ILE C 220 16.62 19.51 -10.05
CA ILE C 220 15.37 20.21 -9.89
C ILE C 220 14.41 19.78 -11.00
N VAL C 221 14.91 19.81 -12.23
CA VAL C 221 14.14 19.39 -13.40
C VAL C 221 13.55 17.99 -13.24
N ASN C 222 14.35 17.06 -12.73
CA ASN C 222 13.83 15.73 -12.51
C ASN C 222 12.97 15.66 -11.24
N ALA C 223 13.28 16.44 -10.20
CA ALA C 223 12.38 16.52 -9.04
C ALA C 223 10.99 16.93 -9.56
N LEU C 224 10.92 18.09 -10.22
CA LEU C 224 9.71 18.54 -10.94
C LEU C 224 9.08 17.41 -11.74
N ARG C 225 9.77 16.99 -12.80
CA ARG C 225 9.27 15.91 -13.67
C ARG C 225 8.60 14.83 -12.83
N LYS C 226 9.31 14.33 -11.81
CA LYS C 226 8.82 13.21 -11.02
C LYS C 226 7.58 13.50 -10.17
N LEU C 227 7.39 14.74 -9.73
CA LEU C 227 6.18 15.09 -8.98
C LEU C 227 5.01 15.16 -9.91
N GLU C 228 5.27 15.77 -11.06
CA GLU C 228 4.32 15.78 -12.16
C GLU C 228 3.83 14.37 -12.39
N SER C 229 4.77 13.46 -12.56
CA SER C 229 4.43 12.06 -12.81
C SER C 229 3.69 11.44 -11.64
N ALA C 230 4.05 11.84 -10.43
CA ALA C 230 3.37 11.36 -9.22
C ALA C 230 2.01 12.03 -9.06
N GLY C 231 1.83 13.18 -9.70
CA GLY C 231 0.57 13.87 -9.64
C GLY C 231 0.48 14.80 -8.43
N VAL C 232 1.59 15.02 -7.74
CA VAL C 232 1.63 16.01 -6.66
C VAL C 232 1.59 17.44 -7.22
N ILE C 233 2.00 17.59 -8.48
CA ILE C 233 1.92 18.84 -9.20
C ILE C 233 1.50 18.57 -10.65
N GLU C 234 1.09 19.63 -11.36
CA GLU C 234 0.89 19.58 -12.83
C GLU C 234 1.80 20.64 -13.47
N SER C 235 2.45 20.30 -14.59
CA SER C 235 3.50 21.14 -15.20
C SER C 235 3.18 21.51 -16.66
N ARG C 236 3.71 22.65 -17.10
CA ARG C 236 3.47 23.17 -18.43
C ARG C 236 4.67 24.04 -18.78
N SER C 237 5.49 23.63 -19.75
CA SER C 237 6.78 24.32 -20.03
C SER C 237 6.56 25.62 -20.81
N LEU C 238 6.55 26.74 -20.08
CA LEU C 238 6.37 28.09 -20.65
C LEU C 238 7.40 28.46 -21.72
N GLY C 239 8.49 27.71 -21.80
CA GLY C 239 9.38 27.74 -22.96
C GLY C 239 10.57 28.64 -22.76
N MET C 240 10.49 29.86 -23.29
CA MET C 240 11.62 30.84 -23.28
C MET C 240 12.34 30.88 -21.93
N LYS C 241 11.57 30.88 -20.85
CA LYS C 241 12.09 30.70 -19.51
C LYS C 241 10.95 30.28 -18.58
N GLY C 242 11.31 29.50 -17.57
CA GLY C 242 10.39 29.12 -16.53
C GLY C 242 9.33 28.15 -17.00
N THR C 243 8.44 27.87 -16.07
CA THR C 243 7.43 26.82 -16.22
C THR C 243 6.38 27.02 -15.13
N TYR C 244 5.10 27.01 -15.52
CA TYR C 244 4.00 27.15 -14.56
C TYR C 244 3.72 25.81 -13.84
N ILE C 245 3.48 25.89 -12.54
CA ILE C 245 3.30 24.73 -11.67
C ILE C 245 2.07 24.94 -10.80
N LYS C 246 1.57 23.85 -10.22
CA LYS C 246 0.42 23.94 -9.35
C LYS C 246 0.33 22.68 -8.50
N VAL C 247 0.61 22.81 -7.20
CA VAL C 247 0.31 21.73 -6.25
C VAL C 247 -1.12 21.21 -6.39
N LEU C 248 -1.26 19.93 -6.75
CA LEU C 248 -2.54 19.26 -6.76
C LEU C 248 -2.69 18.38 -5.52
N ASN C 249 -1.61 18.17 -4.76
CA ASN C 249 -1.71 17.34 -3.57
C ASN C 249 -1.07 17.97 -2.37
N ASN C 250 -1.92 18.35 -1.42
CA ASN C 250 -1.52 19.08 -0.22
C ASN C 250 -0.78 18.15 0.72
N LYS C 251 -1.36 16.98 0.99
CA LYS C 251 -0.77 16.02 1.95
C LYS C 251 0.70 15.61 1.69
N PHE C 252 1.26 15.89 0.52
CA PHE C 252 2.66 15.56 0.24
C PHE C 252 3.66 16.42 1.01
N LEU C 253 3.58 17.74 0.78
CA LEU C 253 4.39 18.71 1.54
C LEU C 253 4.36 18.38 3.06
N ILE C 254 3.19 17.97 3.59
CA ILE C 254 3.01 17.68 5.02
C ILE C 254 3.85 16.48 5.40
N GLU C 255 3.72 15.41 4.60
CA GLU C 255 4.40 14.14 4.87
C GLU C 255 5.90 14.33 5.04
N LEU C 256 6.50 15.11 4.14
CA LEU C 256 7.90 15.51 4.28
C LEU C 256 8.11 16.27 5.57
N GLU C 257 7.46 17.43 5.67
CA GLU C 257 7.64 18.42 6.76
C GLU C 257 7.73 17.88 8.18
N ASN C 258 7.06 16.73 8.44
CA ASN C 258 7.03 16.07 9.76
C ASN C 258 8.06 14.97 9.93
N LEU C 259 8.31 14.17 8.88
CA LEU C 259 9.15 12.97 8.99
C LEU C 259 10.67 13.24 9.06
N LYS C 260 11.08 14.51 8.99
CA LYS C 260 12.47 14.95 8.81
C LYS C 260 13.50 14.33 9.79
N SER C 261 14.77 14.65 9.53
CA SER C 261 15.85 14.54 10.53
C SER C 261 17.03 15.44 10.16
N ALA D 5 49.19 -1.08 11.35
CA ALA D 5 49.43 -0.36 10.06
C ALA D 5 48.21 0.45 9.63
N SER D 6 48.28 0.98 8.42
CA SER D 6 47.13 1.52 7.71
C SER D 6 45.97 0.51 7.53
N LEU D 7 46.34 -0.78 7.41
CA LEU D 7 45.37 -1.86 7.22
C LEU D 7 44.55 -1.99 8.47
N GLN D 8 45.24 -2.14 9.60
CA GLN D 8 44.58 -2.28 10.89
C GLN D 8 43.47 -1.27 11.10
N LYS D 9 43.69 -0.03 10.64
CA LYS D 9 42.71 1.05 10.85
C LYS D 9 41.52 0.98 9.90
N THR D 10 41.76 0.77 8.62
CA THR D 10 40.63 0.58 7.70
C THR D 10 39.69 -0.44 8.28
N ARG D 11 40.25 -1.51 8.85
CA ARG D 11 39.43 -2.53 9.52
C ARG D 11 38.66 -2.01 10.73
N ILE D 12 39.28 -1.09 11.46
CA ILE D 12 38.62 -0.44 12.58
C ILE D 12 37.35 0.27 12.14
N ILE D 13 37.38 0.85 10.94
CA ILE D 13 36.19 1.53 10.38
C ILE D 13 35.14 0.49 9.96
N ASN D 14 35.51 -0.47 9.10
CA ASN D 14 34.65 -1.61 8.80
C ASN D 14 33.98 -2.22 10.04
N SER D 15 34.77 -2.55 11.07
CA SER D 15 34.23 -3.21 12.28
C SER D 15 33.17 -2.35 12.96
N MET D 16 33.36 -1.05 12.94
CA MET D 16 32.37 -0.08 13.43
C MET D 16 31.11 0.05 12.56
N LEU D 17 31.25 0.10 11.23
CA LEU D 17 30.10 0.10 10.30
C LEU D 17 29.26 -1.22 10.40
N GLN D 18 29.91 -2.37 10.64
CA GLN D 18 29.20 -3.64 10.68
C GLN D 18 28.49 -3.78 12.05
N ALA D 19 29.15 -3.26 13.08
CA ALA D 19 28.52 -3.11 14.39
C ALA D 19 27.24 -2.28 14.32
N ALA D 20 27.32 -1.15 13.59
CA ALA D 20 26.22 -0.17 13.50
C ALA D 20 24.99 -0.66 12.83
N ALA D 21 25.14 -1.59 11.89
CA ALA D 21 23.99 -2.10 11.15
C ALA D 21 23.13 -2.81 12.17
N GLY D 22 21.81 -2.62 12.04
CA GLY D 22 20.84 -3.23 12.95
C GLY D 22 20.38 -2.32 14.06
N LYS D 23 21.27 -1.44 14.52
CA LYS D 23 20.88 -0.28 15.32
C LYS D 23 20.61 0.89 14.36
N PRO D 24 19.80 1.87 14.80
CA PRO D 24 19.63 3.07 13.99
C PRO D 24 20.93 3.82 13.85
N VAL D 25 21.14 4.51 12.73
CA VAL D 25 22.42 5.19 12.43
C VAL D 25 22.84 6.04 13.62
N ASN D 26 24.12 5.97 14.01
CA ASN D 26 24.65 6.76 15.12
C ASN D 26 25.85 7.58 14.64
N PHE D 27 25.63 8.89 14.43
CA PHE D 27 26.67 9.77 13.91
C PHE D 27 27.71 10.15 14.98
N LYS D 28 27.25 10.48 16.19
CA LYS D 28 28.22 10.79 17.25
C LYS D 28 29.22 9.65 17.40
N GLU D 29 28.72 8.44 17.60
CA GLU D 29 29.60 7.27 17.72
C GLU D 29 30.50 7.09 16.51
N MET D 30 30.01 7.40 15.33
CA MET D 30 30.81 7.27 14.11
CA MET D 30 30.80 7.26 14.11
C MET D 30 31.97 8.26 14.11
N ALA D 31 31.71 9.48 14.58
CA ALA D 31 32.76 10.51 14.62
C ALA D 31 33.90 10.15 15.60
N GLU D 32 33.57 9.70 16.80
CA GLU D 32 34.56 9.17 17.76
C GLU D 32 35.48 8.12 17.08
N THR D 33 34.88 7.12 16.45
CA THR D 33 35.65 6.08 15.84
C THR D 33 36.60 6.63 14.79
N LEU D 34 36.14 7.63 14.04
CA LEU D 34 37.03 8.32 13.10
C LEU D 34 38.14 9.08 13.85
N ARG D 35 37.71 10.01 14.72
CA ARG D 35 38.61 10.76 15.59
C ARG D 35 39.73 9.88 16.12
N ASP D 36 39.38 8.77 16.76
CA ASP D 36 40.37 7.82 17.27
C ASP D 36 41.36 7.31 16.22
N VAL D 37 40.88 6.91 15.05
CA VAL D 37 41.78 6.35 14.03
C VAL D 37 42.57 7.36 13.22
N ILE D 38 41.92 8.43 12.76
CA ILE D 38 42.64 9.42 11.94
C ILE D 38 43.43 10.37 12.89
N ASP D 39 43.02 10.34 14.16
CA ASP D 39 43.58 11.16 15.21
C ASP D 39 43.42 12.63 14.85
N SER D 40 42.16 13.07 14.90
CA SER D 40 41.77 14.41 14.47
C SER D 40 40.33 14.76 14.85
N ASN D 41 40.04 16.04 14.81
CA ASN D 41 38.69 16.54 15.07
C ASN D 41 37.80 16.24 13.90
N ILE D 42 36.69 15.56 14.16
CA ILE D 42 35.77 15.18 13.10
C ILE D 42 34.51 15.99 13.20
N PHE D 43 34.08 16.48 12.05
CA PHE D 43 32.82 17.19 11.96
C PHE D 43 32.04 16.70 10.76
N VAL D 44 30.78 16.33 10.97
CA VAL D 44 29.94 15.78 9.89
C VAL D 44 28.82 16.75 9.54
N VAL D 45 28.97 17.39 8.39
CA VAL D 45 28.16 18.54 8.06
C VAL D 45 27.24 18.17 6.93
N SER D 46 25.97 18.48 7.09
CA SER D 46 25.00 18.28 6.01
C SER D 46 25.24 19.26 4.84
N ARG D 47 24.36 19.19 3.87
CA ARG D 47 24.40 20.02 2.68
C ARG D 47 24.14 21.46 3.07
N ARG D 48 23.32 21.68 4.11
CA ARG D 48 22.90 23.00 4.61
C ARG D 48 23.52 23.41 5.97
N GLY D 49 24.58 22.72 6.39
CA GLY D 49 25.33 23.09 7.57
C GLY D 49 24.95 22.36 8.85
N LYS D 50 23.89 21.57 8.82
CA LYS D 50 23.48 20.81 10.01
C LYS D 50 24.68 19.95 10.44
N LEU D 51 25.04 20.03 11.71
CA LEU D 51 26.02 19.14 12.28
C LEU D 51 25.33 17.84 12.60
N LEU D 52 25.32 16.96 11.60
CA LEU D 52 24.83 15.62 11.76
C LEU D 52 25.56 14.92 12.91
N GLY D 53 26.85 15.22 13.09
CA GLY D 53 27.59 14.76 14.29
C GLY D 53 29.04 15.22 14.32
N TYR D 54 29.65 15.15 15.51
CA TYR D 54 31.03 15.63 15.70
C TYR D 54 31.69 14.98 16.92
N SER D 55 33.02 14.96 16.94
CA SER D 55 33.77 14.47 18.09
C SER D 55 35.09 15.19 18.13
N ILE D 56 35.48 15.67 19.31
CA ILE D 56 36.64 16.55 19.48
C ILE D 56 37.85 15.82 20.09
N ASN D 57 39.00 16.01 19.45
CA ASN D 57 40.27 15.44 19.85
C ASN D 57 41.09 16.41 20.70
N GLN D 58 41.08 17.70 20.34
CA GLN D 58 41.83 18.74 21.03
C GLN D 58 41.03 20.05 21.08
N GLN D 59 40.88 20.62 22.28
CA GLN D 59 39.88 21.67 22.50
C GLN D 59 40.12 23.00 21.75
N ILE D 60 38.99 23.69 21.50
CA ILE D 60 38.94 25.05 20.91
C ILE D 60 38.26 26.01 21.91
N GLU D 61 39.06 26.85 22.56
CA GLU D 61 38.48 27.89 23.42
C GLU D 61 37.93 29.00 22.51
N ASN D 62 36.61 28.96 22.29
CA ASN D 62 35.90 29.93 21.45
C ASN D 62 34.37 29.91 21.70
N ASP D 63 33.81 31.08 22.06
CA ASP D 63 32.38 31.26 22.47
C ASP D 63 31.36 30.88 21.36
N ARG D 64 31.65 31.40 20.16
CA ARG D 64 30.83 31.17 18.96
C ARG D 64 30.94 29.74 18.45
N MET D 65 32.15 29.17 18.53
CA MET D 65 32.37 27.77 18.19
C MET D 65 31.55 26.89 19.13
N LYS D 66 31.77 27.03 20.45
CA LYS D 66 30.95 26.39 21.51
C LYS D 66 29.45 26.31 21.15
N LYS D 67 28.93 27.45 20.65
CA LYS D 67 27.53 27.60 20.28
C LYS D 67 27.15 26.77 19.04
N MET D 68 28.02 26.73 18.02
CA MET D 68 27.78 25.94 16.78
C MET D 68 27.58 24.45 17.08
N LEU D 69 28.43 23.94 17.95
CA LEU D 69 28.35 22.55 18.38
C LEU D 69 27.03 22.30 19.14
N GLU D 70 26.67 23.20 20.05
CA GLU D 70 25.38 23.10 20.76
C GLU D 70 24.20 23.35 19.81
N ASP D 71 24.28 24.43 19.02
CA ASP D 71 23.28 24.72 17.97
C ASP D 71 23.08 23.58 16.97
N ARG D 72 24.09 22.72 16.82
CA ARG D 72 24.04 21.60 15.89
C ARG D 72 23.94 22.20 14.46
N GLN D 73 24.68 23.29 14.21
CA GLN D 73 24.57 24.02 12.95
C GLN D 73 25.87 24.84 12.66
N PHE D 74 26.24 24.93 11.38
CA PHE D 74 27.33 25.81 10.90
C PHE D 74 26.68 26.91 10.10
N PRO D 75 27.35 28.08 10.03
CA PRO D 75 26.77 29.25 9.37
C PRO D 75 26.41 28.96 7.92
N GLU D 76 25.39 29.67 7.44
CA GLU D 76 24.83 29.44 6.11
C GLU D 76 25.88 29.53 5.02
N GLU D 77 26.56 30.66 4.94
CA GLU D 77 27.43 30.96 3.80
C GLU D 77 28.62 29.99 3.76
N TYR D 78 29.33 29.87 4.88
CA TYR D 78 30.45 28.93 5.04
C TYR D 78 30.06 27.57 4.46
N THR D 79 28.92 27.06 4.94
CA THR D 79 28.36 25.80 4.46
C THR D 79 28.17 25.77 2.96
N LYS D 80 27.49 26.78 2.42
CA LYS D 80 27.21 26.85 0.97
C LYS D 80 28.51 26.78 0.18
N ASN D 81 29.52 27.48 0.68
CA ASN D 81 30.80 27.52 0.01
CA ASN D 81 30.83 27.54 0.03
C ASN D 81 31.52 26.17 -0.07
N LEU D 82 31.23 25.25 0.86
CA LEU D 82 31.84 23.90 0.86
C LEU D 82 31.59 23.07 -0.41
N PHE D 83 30.35 23.03 -0.88
CA PHE D 83 30.04 22.40 -2.17
C PHE D 83 30.91 22.80 -3.37
N ASN D 84 31.57 23.96 -3.31
CA ASN D 84 32.51 24.32 -4.37
C ASN D 84 33.84 23.54 -4.30
N VAL D 85 34.06 22.74 -3.25
CA VAL D 85 35.23 21.83 -3.16
C VAL D 85 34.87 20.44 -3.74
N PRO D 86 35.30 20.13 -4.98
CA PRO D 86 34.84 18.87 -5.62
C PRO D 86 35.56 17.65 -5.15
N GLU D 87 36.85 17.78 -4.93
CA GLU D 87 37.68 16.69 -4.44
C GLU D 87 38.12 17.05 -3.02
N THR D 88 38.67 16.08 -2.30
CA THR D 88 39.19 16.33 -0.99
C THR D 88 40.25 17.41 -1.12
N SER D 89 40.15 18.43 -0.26
CA SER D 89 41.20 19.44 -0.16
C SER D 89 41.81 19.35 1.23
N SER D 90 43.12 19.20 1.25
CA SER D 90 43.83 18.72 2.43
C SER D 90 44.90 19.70 2.87
N ASN D 91 45.12 19.73 4.18
CA ASN D 91 46.07 20.65 4.80
C ASN D 91 45.88 22.11 4.41
N LEU D 92 44.76 22.69 4.81
CA LEU D 92 44.48 24.10 4.57
C LEU D 92 44.85 24.91 5.82
N ASP D 93 45.69 25.94 5.66
CA ASP D 93 46.26 26.69 6.79
C ASP D 93 45.19 27.51 7.49
N ILE D 94 45.54 28.17 8.59
CA ILE D 94 44.59 29.10 9.25
C ILE D 94 44.09 30.25 8.33
N ASN D 95 44.82 30.53 7.25
CA ASN D 95 44.55 31.65 6.36
C ASN D 95 43.57 31.37 5.22
N SER D 96 43.19 30.11 5.02
CA SER D 96 42.15 29.79 4.06
C SER D 96 40.78 30.40 4.46
N GLU D 97 40.00 30.77 3.46
CA GLU D 97 38.55 30.94 3.60
C GLU D 97 37.87 29.69 4.23
N TYR D 98 38.37 28.49 3.89
CA TYR D 98 37.75 27.22 4.30
C TYR D 98 38.17 26.67 5.67
N THR D 99 39.10 27.33 6.36
CA THR D 99 39.58 26.82 7.66
C THR D 99 38.41 26.52 8.64
N ALA D 100 38.53 25.41 9.35
CA ALA D 100 37.57 25.00 10.38
C ALA D 100 37.59 25.93 11.59
N PHE D 101 38.77 26.55 11.82
CA PHE D 101 39.03 27.33 13.01
C PHE D 101 38.40 28.71 12.85
N PRO D 102 38.03 29.33 13.98
CA PRO D 102 37.54 30.72 13.99
C PRO D 102 38.54 31.72 13.37
N VAL D 103 37.99 32.74 12.69
CA VAL D 103 38.79 33.83 12.12
C VAL D 103 39.27 34.86 13.15
N GLU D 104 38.41 35.22 14.11
CA GLU D 104 38.76 36.19 15.17
C GLU D 104 40.11 35.90 15.85
N ASN D 105 40.44 34.62 16.01
CA ASN D 105 41.73 34.18 16.54
C ASN D 105 42.51 33.45 15.47
N ARG D 106 42.94 34.19 14.44
CA ARG D 106 43.77 33.62 13.35
C ARG D 106 45.19 33.20 13.78
N ASP D 107 45.43 33.08 15.08
CA ASP D 107 46.77 33.23 15.65
C ASP D 107 47.01 32.32 16.85
N LEU D 108 46.05 32.32 17.75
CA LEU D 108 45.84 31.22 18.70
C LEU D 108 45.99 29.87 17.98
N PHE D 109 45.42 29.76 16.78
CA PHE D 109 45.61 28.58 15.93
C PHE D 109 46.37 28.95 14.65
N GLN D 110 47.70 29.03 14.73
CA GLN D 110 48.55 29.20 13.53
C GLN D 110 48.69 27.92 12.76
N ALA D 111 49.04 26.87 13.48
CA ALA D 111 49.26 25.59 12.87
C ALA D 111 47.92 24.90 12.63
N GLY D 112 46.86 25.67 12.35
CA GLY D 112 45.50 25.15 12.28
C GLY D 112 45.17 24.47 10.97
N LEU D 113 45.69 23.24 10.80
CA LEU D 113 45.50 22.50 9.56
C LEU D 113 44.13 21.84 9.51
N THR D 114 43.37 22.20 8.47
CA THR D 114 42.02 21.70 8.24
C THR D 114 42.03 20.89 6.93
N THR D 115 41.42 19.71 6.98
CA THR D 115 41.18 18.94 5.77
C THR D 115 39.67 18.89 5.49
N ILE D 116 39.33 19.06 4.21
CA ILE D 116 37.95 19.14 3.75
C ILE D 116 37.73 17.99 2.84
N VAL D 117 36.72 17.18 3.16
CA VAL D 117 36.46 15.93 2.45
C VAL D 117 35.00 15.88 2.06
N PRO D 118 34.71 15.86 0.76
CA PRO D 118 33.34 15.58 0.28
C PRO D 118 32.84 14.21 0.70
N ILE D 119 31.54 14.08 0.87
CA ILE D 119 30.87 12.84 1.34
C ILE D 119 29.97 12.55 0.18
N ILE D 120 30.21 11.46 -0.55
CA ILE D 120 29.33 11.19 -1.71
C ILE D 120 28.43 9.95 -1.59
N GLY D 121 27.15 10.19 -1.86
CA GLY D 121 26.09 9.21 -1.80
C GLY D 121 25.98 8.55 -3.12
N GLY D 122 24.79 8.08 -3.43
CA GLY D 122 24.60 7.29 -4.61
C GLY D 122 24.66 8.22 -5.79
N GLY D 123 25.90 8.64 -6.12
CA GLY D 123 26.25 9.60 -7.18
C GLY D 123 25.74 10.99 -6.86
N GLU D 124 25.85 11.41 -5.60
CA GLU D 124 25.35 12.72 -5.15
C GLU D 124 26.11 13.25 -3.92
N ARG D 125 26.41 14.53 -3.92
CA ARG D 125 27.15 15.10 -2.82
C ARG D 125 26.20 15.30 -1.65
N LEU D 126 26.34 14.49 -0.61
CA LEU D 126 25.40 14.49 0.52
C LEU D 126 25.79 15.41 1.65
N GLY D 127 27.07 15.64 1.80
CA GLY D 127 27.56 16.48 2.88
C GLY D 127 29.05 16.81 2.78
N THR D 128 29.66 17.00 3.93
CA THR D 128 31.07 17.31 3.98
C THR D 128 31.67 16.81 5.29
N LEU D 129 32.85 16.24 5.19
CA LEU D 129 33.53 15.74 6.35
C LEU D 129 34.72 16.69 6.65
N ILE D 130 34.63 17.37 7.78
CA ILE D 130 35.65 18.32 8.16
C ILE D 130 36.49 17.71 9.23
N LEU D 131 37.79 17.73 9.00
CA LEU D 131 38.78 17.26 9.96
C LEU D 131 39.76 18.38 10.21
N SER D 132 40.23 18.51 11.45
CA SER D 132 41.17 19.57 11.83
C SER D 132 42.07 19.15 12.97
N ARG D 133 43.32 19.62 12.94
CA ARG D 133 44.21 19.54 14.10
C ARG D 133 45.23 20.65 14.10
N LEU D 134 45.90 20.77 15.24
CA LEU D 134 46.99 21.71 15.38
C LEU D 134 48.28 21.03 14.89
N GLN D 135 48.99 21.71 14.00
CA GLN D 135 50.38 21.36 13.67
C GLN D 135 50.46 20.20 12.68
N ASP D 136 50.25 18.98 13.17
CA ASP D 136 50.56 17.75 12.42
C ASP D 136 49.92 17.70 11.06
N GLN D 137 50.71 17.39 10.05
CA GLN D 137 50.21 17.30 8.68
C GLN D 137 49.30 16.07 8.49
N PHE D 138 48.37 16.17 7.54
CA PHE D 138 47.55 15.05 7.08
C PHE D 138 48.28 14.44 5.89
N ASN D 139 48.93 13.29 6.14
CA ASN D 139 49.62 12.54 5.06
C ASN D 139 48.58 11.79 4.26
N ASP D 140 49.03 11.10 3.21
CA ASP D 140 48.14 10.25 2.41
C ASP D 140 47.56 9.04 3.17
N ASP D 141 48.31 8.45 4.08
CA ASP D 141 47.75 7.43 4.97
C ASP D 141 46.60 7.94 5.83
N ASP D 142 46.60 9.22 6.18
CA ASP D 142 45.46 9.86 6.86
C ASP D 142 44.34 10.14 5.87
N LEU D 143 44.69 10.56 4.65
CA LEU D 143 43.71 10.89 3.62
C LEU D 143 42.91 9.70 3.13
N ILE D 144 43.55 8.53 3.09
CA ILE D 144 42.84 7.31 2.75
C ILE D 144 41.74 7.07 3.78
N LEU D 145 42.13 7.12 5.06
CA LEU D 145 41.20 6.88 6.16
C LEU D 145 40.10 7.91 6.23
N ALA D 146 40.40 9.17 5.86
CA ALA D 146 39.38 10.19 5.74
C ALA D 146 38.36 9.83 4.64
N GLU D 147 38.83 9.58 3.42
CA GLU D 147 37.90 9.35 2.30
C GLU D 147 37.10 8.03 2.41
N TYR D 148 37.76 6.95 2.79
CA TYR D 148 37.01 5.78 3.17
C TYR D 148 35.92 6.18 4.13
N GLY D 149 36.31 6.90 5.20
CA GLY D 149 35.40 7.35 6.28
C GLY D 149 34.24 8.13 5.75
N ALA D 150 34.53 9.13 4.93
CA ALA D 150 33.49 9.85 4.14
C ALA D 150 32.54 8.94 3.44
N THR D 151 33.10 8.12 2.56
CA THR D 151 32.33 7.20 1.75
C THR D 151 31.36 6.47 2.66
N VAL D 152 31.89 6.00 3.79
CA VAL D 152 31.14 5.20 4.77
C VAL D 152 30.06 5.99 5.49
N VAL D 153 30.37 7.23 5.86
CA VAL D 153 29.40 8.05 6.54
C VAL D 153 28.33 8.34 5.53
N GLY D 154 28.70 8.50 4.26
CA GLY D 154 27.72 8.67 3.18
C GLY D 154 26.75 7.52 3.12
N MET D 155 27.25 6.28 3.23
CA MET D 155 26.36 5.11 3.34
C MET D 155 25.33 5.33 4.41
N GLU D 156 25.78 5.62 5.63
CA GLU D 156 24.88 5.81 6.73
C GLU D 156 23.87 6.97 6.55
N ILE D 157 24.32 8.11 6.04
CA ILE D 157 23.39 9.20 5.76
C ILE D 157 22.22 8.68 4.93
N LEU D 158 22.54 7.97 3.86
CA LEU D 158 21.47 7.39 3.02
C LEU D 158 20.59 6.36 3.76
N ARG D 159 21.24 5.47 4.52
CA ARG D 159 20.53 4.51 5.34
C ARG D 159 19.63 5.19 6.35
N GLU D 160 20.08 6.26 7.01
CA GLU D 160 19.22 6.83 8.04
C GLU D 160 17.85 7.17 7.44
N LYS D 161 17.83 7.69 6.20
CA LYS D 161 16.59 8.11 5.49
C LYS D 161 15.79 6.95 5.01
N ALA D 162 16.43 6.08 4.26
CA ALA D 162 15.81 4.81 3.91
C ALA D 162 15.03 4.27 5.07
N GLU D 163 15.67 4.16 6.21
CA GLU D 163 15.05 3.51 7.37
C GLU D 163 13.84 4.30 7.88
N GLU D 164 13.98 5.63 7.87
CA GLU D 164 12.92 6.53 8.30
C GLU D 164 11.68 6.33 7.45
N ILE D 165 11.85 6.35 6.12
CA ILE D 165 10.72 6.24 5.20
C ILE D 165 10.12 4.88 5.27
N GLU D 166 10.97 3.87 5.53
CA GLU D 166 10.52 2.48 5.70
C GLU D 166 9.66 2.39 6.93
N GLU D 167 10.05 3.04 8.00
CA GLU D 167 9.29 2.89 9.23
C GLU D 167 7.99 3.63 9.10
N GLU D 168 7.98 4.72 8.36
CA GLU D 168 6.74 5.45 8.22
C GLU D 168 5.84 4.46 7.57
N ALA D 169 6.30 3.92 6.44
CA ALA D 169 5.52 2.93 5.68
C ALA D 169 4.92 1.86 6.56
N ARG D 170 5.78 1.30 7.43
CA ARG D 170 5.37 0.29 8.41
C ARG D 170 4.20 0.77 9.25
N SER D 171 4.31 2.00 9.78
CA SER D 171 3.26 2.60 10.60
C SER D 171 1.95 2.80 9.80
N LYS D 172 2.03 3.44 8.63
CA LYS D 172 0.86 3.61 7.79
C LYS D 172 0.16 2.23 7.59
N ALA D 173 0.98 1.21 7.36
CA ALA D 173 0.53 -0.16 7.18
C ALA D 173 -0.36 -0.66 8.29
N VAL D 174 0.03 -0.41 9.50
CA VAL D 174 -0.69 -0.89 10.64
C VAL D 174 -1.99 -0.11 10.80
N VAL D 175 -1.88 1.19 10.73
CA VAL D 175 -3.07 2.03 10.75
C VAL D 175 -4.11 1.50 9.71
N GLN D 176 -3.65 1.28 8.48
CA GLN D 176 -4.49 0.72 7.46
C GLN D 176 -5.03 -0.64 7.84
N MET D 177 -4.18 -1.55 8.25
CA MET D 177 -4.66 -2.87 8.63
C MET D 177 -5.81 -2.81 9.64
N ALA D 178 -5.75 -1.79 10.48
CA ALA D 178 -6.74 -1.60 11.51
C ALA D 178 -8.05 -1.02 10.99
N ILE D 179 -7.98 0.18 10.44
CA ILE D 179 -9.15 0.80 9.83
C ILE D 179 -9.91 -0.17 8.91
N SER D 180 -9.18 -0.84 8.02
CA SER D 180 -9.85 -1.67 7.03
C SER D 180 -10.59 -2.83 7.70
N SER D 181 -10.12 -3.28 8.86
CA SER D 181 -10.75 -4.38 9.61
C SER D 181 -11.98 -4.04 10.41
N LEU D 182 -12.36 -2.75 10.48
CA LEU D 182 -13.45 -2.25 11.33
C LEU D 182 -14.74 -1.89 10.61
N SER D 183 -15.84 -2.50 11.03
CA SER D 183 -17.18 -2.19 10.49
C SER D 183 -17.61 -0.81 10.94
N TYR D 184 -18.46 -0.16 10.14
CA TYR D 184 -18.94 1.19 10.48
C TYR D 184 -18.97 1.46 11.99
N SER D 185 -19.66 0.62 12.74
CA SER D 185 -20.01 0.94 14.13
C SER D 185 -18.97 0.39 15.08
N GLU D 186 -18.31 -0.70 14.69
CA GLU D 186 -17.05 -1.10 15.36
C GLU D 186 -16.18 0.10 15.37
N LEU D 187 -16.04 0.74 14.20
CA LEU D 187 -15.24 1.96 14.06
C LEU D 187 -15.86 3.15 14.79
N GLU D 188 -17.17 3.20 14.90
CA GLU D 188 -17.81 4.28 15.65
C GLU D 188 -17.45 4.13 17.12
N ALA D 189 -17.69 2.92 17.63
CA ALA D 189 -17.38 2.58 19.02
C ALA D 189 -15.99 3.09 19.47
N ILE D 190 -15.03 3.11 18.53
CA ILE D 190 -13.70 3.71 18.74
C ILE D 190 -13.73 5.18 19.14
N GLU D 191 -14.40 6.02 18.36
CA GLU D 191 -14.37 7.48 18.59
C GLU D 191 -14.64 7.79 20.08
N HIS D 192 -15.67 7.15 20.63
CA HIS D 192 -15.96 7.25 22.06
C HIS D 192 -14.86 6.68 22.93
N ILE D 193 -14.41 5.47 22.59
CA ILE D 193 -13.31 4.77 23.30
C ILE D 193 -12.12 5.67 23.63
N PHE D 194 -11.64 6.44 22.67
CA PHE D 194 -10.46 7.29 22.91
C PHE D 194 -10.82 8.58 23.66
N GLU D 195 -12.05 9.06 23.48
CA GLU D 195 -12.55 10.19 24.24
C GLU D 195 -12.46 9.88 25.76
N GLU D 196 -13.03 8.73 26.15
CA GLU D 196 -13.08 8.30 27.56
C GLU D 196 -11.68 8.08 28.11
N LEU D 197 -10.84 7.41 27.35
CA LEU D 197 -9.42 7.39 27.70
C LEU D 197 -8.82 8.80 27.54
N ASP D 198 -7.89 9.13 28.42
CA ASP D 198 -7.25 10.43 28.41
C ASP D 198 -5.75 10.26 28.67
N GLY D 199 -5.03 10.06 27.57
CA GLY D 199 -3.61 9.73 27.56
C GLY D 199 -3.47 8.46 26.75
N ASN D 200 -2.31 8.27 26.12
CA ASN D 200 -2.11 7.08 25.29
C ASN D 200 -2.18 5.77 26.09
N GLU D 201 -2.45 5.81 27.40
CA GLU D 201 -2.71 4.61 28.23
C GLU D 201 -3.71 4.88 29.32
N GLY D 202 -4.04 3.86 30.12
CA GLY D 202 -5.01 3.97 31.23
C GLY D 202 -6.18 3.01 31.03
N LEU D 203 -6.77 2.56 32.14
CA LEU D 203 -7.90 1.60 32.09
C LEU D 203 -9.20 2.17 31.45
N LEU D 204 -10.00 1.25 30.95
CA LEU D 204 -11.30 1.55 30.38
C LEU D 204 -12.27 0.47 30.78
N VAL D 205 -13.44 0.87 31.25
CA VAL D 205 -14.39 -0.14 31.65
C VAL D 205 -15.33 -0.43 30.51
N ALA D 206 -15.32 -1.70 30.09
CA ALA D 206 -16.08 -2.19 28.92
C ALA D 206 -17.57 -1.84 28.97
N SER D 207 -18.30 -2.41 29.93
CA SER D 207 -19.74 -2.19 30.06
C SER D 207 -20.13 -0.72 30.22
N LYS D 208 -19.27 0.04 30.90
CA LYS D 208 -19.56 1.45 31.24
C LYS D 208 -19.25 2.47 30.10
N ILE D 209 -19.03 1.99 28.89
CA ILE D 209 -19.18 2.80 27.66
C ILE D 209 -20.36 2.28 26.81
N ALA D 210 -20.68 0.99 26.95
CA ALA D 210 -21.86 0.37 26.31
C ALA D 210 -23.14 1.05 26.75
N ASP D 211 -23.25 1.27 28.06
CA ASP D 211 -24.41 1.93 28.67
C ASP D 211 -24.37 3.45 28.54
N ARG D 212 -23.16 4.02 28.66
CA ARG D 212 -22.97 5.49 28.63
C ARG D 212 -23.42 6.14 27.34
N VAL D 213 -23.23 5.44 26.22
CA VAL D 213 -23.47 6.02 24.90
C VAL D 213 -24.34 5.14 23.98
N GLY D 214 -25.03 4.16 24.56
CA GLY D 214 -25.99 3.29 23.85
C GLY D 214 -25.38 2.33 22.84
N ILE D 215 -24.63 1.33 23.32
CA ILE D 215 -23.92 0.38 22.44
C ILE D 215 -24.12 -1.07 22.83
N THR D 216 -24.32 -1.91 21.83
CA THR D 216 -24.13 -3.34 22.04
C THR D 216 -22.72 -3.51 22.58
N ARG D 217 -22.60 -4.01 23.82
CA ARG D 217 -21.29 -4.12 24.49
C ARG D 217 -20.28 -4.93 23.64
N SER D 218 -20.79 -6.04 23.11
CA SER D 218 -20.06 -6.92 22.19
C SER D 218 -19.08 -6.20 21.29
N VAL D 219 -19.57 -5.21 20.56
CA VAL D 219 -18.78 -4.58 19.51
C VAL D 219 -17.64 -3.78 20.12
N ILE D 220 -17.81 -3.29 21.36
CA ILE D 220 -16.73 -2.55 22.00
C ILE D 220 -15.45 -3.36 22.06
N VAL D 221 -15.57 -4.60 22.56
CA VAL D 221 -14.43 -5.49 22.61
C VAL D 221 -13.95 -5.66 21.22
N ASN D 222 -14.86 -6.09 20.34
CA ASN D 222 -14.50 -6.41 18.97
C ASN D 222 -13.73 -5.27 18.37
N ALA D 223 -14.02 -4.05 18.76
CA ALA D 223 -13.15 -2.96 18.32
C ALA D 223 -11.68 -3.09 18.85
N LEU D 224 -11.50 -3.35 20.14
CA LEU D 224 -10.15 -3.54 20.73
C LEU D 224 -9.49 -4.77 20.20
N ARG D 225 -10.29 -5.84 20.09
CA ARG D 225 -9.82 -7.09 19.48
C ARG D 225 -8.94 -6.68 18.32
N LYS D 226 -9.55 -5.98 17.38
CA LYS D 226 -8.94 -5.71 16.09
C LYS D 226 -7.78 -4.72 16.29
N LEU D 227 -8.07 -3.61 16.96
CA LEU D 227 -7.02 -2.63 17.24
C LEU D 227 -5.73 -3.21 17.88
N GLU D 228 -5.86 -4.25 18.71
CA GLU D 228 -4.71 -4.97 19.27
C GLU D 228 -4.04 -5.83 18.24
N SER D 229 -4.79 -6.71 17.60
CA SER D 229 -4.22 -7.67 16.69
C SER D 229 -3.56 -6.98 15.50
N ALA D 230 -4.10 -5.82 15.10
CA ALA D 230 -3.39 -4.94 14.14
C ALA D 230 -2.15 -4.26 14.71
N GLY D 231 -2.01 -4.20 16.03
CA GLY D 231 -0.83 -3.60 16.66
C GLY D 231 -0.87 -2.08 16.87
N VAL D 232 -2.02 -1.44 16.63
CA VAL D 232 -2.27 -0.03 17.00
C VAL D 232 -2.22 0.20 18.53
N ILE D 233 -2.68 -0.79 19.31
CA ILE D 233 -2.65 -0.75 20.78
C ILE D 233 -2.32 -2.10 21.38
N GLU D 234 -1.85 -2.12 22.65
CA GLU D 234 -1.95 -3.36 23.48
C GLU D 234 -3.12 -3.27 24.47
N SER D 235 -4.15 -4.10 24.31
CA SER D 235 -5.20 -4.26 25.32
C SER D 235 -4.89 -5.57 26.01
N ARG D 236 -5.18 -5.66 27.30
CA ARG D 236 -4.83 -6.82 28.16
C ARG D 236 -5.72 -6.92 29.42
N SER D 237 -6.76 -7.74 29.36
CA SER D 237 -7.77 -7.89 30.43
C SER D 237 -7.21 -8.02 31.84
N LEU D 238 -7.47 -7.01 32.67
CA LEU D 238 -7.22 -7.10 34.12
C LEU D 238 -8.24 -8.00 34.83
N GLY D 239 -9.37 -8.23 34.16
CA GLY D 239 -10.33 -9.25 34.53
C GLY D 239 -11.56 -8.66 35.17
N MET D 240 -12.48 -9.54 35.56
CA MET D 240 -13.64 -9.21 36.39
C MET D 240 -14.69 -8.29 35.74
N LYS D 241 -14.30 -7.49 34.74
CA LYS D 241 -15.10 -6.34 34.28
C LYS D 241 -14.43 -5.55 33.15
N GLY D 242 -13.14 -5.23 33.32
CA GLY D 242 -12.42 -4.29 32.44
C GLY D 242 -11.08 -4.76 31.92
N THR D 243 -10.50 -3.95 31.04
CA THR D 243 -9.27 -4.30 30.33
C THR D 243 -8.43 -3.03 30.15
N TYR D 244 -7.11 -3.16 30.34
CA TYR D 244 -6.16 -2.02 30.32
C TYR D 244 -5.55 -1.84 28.93
N ILE D 245 -5.44 -0.58 28.48
CA ILE D 245 -5.13 -0.21 27.09
C ILE D 245 -3.88 0.61 27.01
N LYS D 246 -3.15 0.50 25.89
CA LYS D 246 -1.99 1.34 25.61
C LYS D 246 -1.80 1.41 24.13
N VAL D 247 -1.84 2.63 23.63
CA VAL D 247 -1.63 2.91 22.22
C VAL D 247 -0.16 2.81 21.86
N LEU D 248 0.15 1.89 20.97
CA LEU D 248 1.50 1.76 20.41
C LEU D 248 1.62 2.55 19.10
N ASN D 249 0.48 2.96 18.52
CA ASN D 249 0.49 3.76 17.29
C ASN D 249 -0.33 5.04 17.37
N ASN D 250 0.34 6.04 17.93
CA ASN D 250 0.04 7.45 17.72
C ASN D 250 -0.65 7.76 16.38
N LYS D 251 -0.07 7.37 15.23
CA LYS D 251 -0.53 7.85 13.86
C LYS D 251 -1.98 7.51 13.49
N PHE D 252 -2.55 6.58 14.27
CA PHE D 252 -3.87 5.98 14.04
C PHE D 252 -5.02 6.92 14.38
N LEU D 253 -5.03 7.37 15.63
CA LEU D 253 -6.04 8.31 16.15
C LEU D 253 -6.20 9.49 15.20
N ILE D 254 -5.08 10.01 14.77
CA ILE D 254 -4.94 11.19 13.92
C ILE D 254 -5.54 10.91 12.57
N GLU D 255 -5.14 9.80 11.96
CA GLU D 255 -5.69 9.39 10.68
C GLU D 255 -7.19 9.20 10.84
N LEU D 256 -7.57 8.52 11.92
CA LEU D 256 -8.97 8.29 12.22
C LEU D 256 -9.72 9.61 12.26
N GLU D 257 -9.21 10.51 13.09
CA GLU D 257 -9.73 11.84 13.19
C GLU D 257 -9.78 12.52 11.83
N ASN D 258 -8.65 12.47 11.13
CA ASN D 258 -8.46 13.18 9.85
C ASN D 258 -9.54 12.96 8.82
N LEU D 259 -9.97 11.72 8.73
CA LEU D 259 -10.69 11.30 7.58
C LEU D 259 -12.05 11.98 7.48
N LYS D 260 -12.69 12.22 8.63
CA LYS D 260 -14.01 12.85 8.68
C LYS D 260 -13.96 14.26 8.12
N SER D 261 -15.00 14.65 7.39
CA SER D 261 -15.00 15.87 6.57
C SER D 261 -16.27 16.70 6.72
#